data_7BXR
#
_entry.id   7BXR
#
_cell.length_a   58.728
_cell.length_b   101.703
_cell.length_c   69.780
_cell.angle_alpha   90.000
_cell.angle_beta   112.911
_cell.angle_gamma   90.000
#
_symmetry.space_group_name_H-M   'P 1 21 1'
#
loop_
_entity.id
_entity.type
_entity.pdbx_description
1 polymer '2-amino-3-ketobutyrate coenzyme A ligase'
2 non-polymer '(2S,3R)-2-[[2-methyl-3-oxidanyl-5-(phosphonooxymethyl)pyridin-4-yl]methylamino]-3-oxidanyl-pentanoic acid'
3 water water
#
_entity_poly.entity_id   1
_entity_poly.type   'polypeptide(L)'
_entity_poly.pdbx_seq_one_letter_code
;MGHMMSNAEAFYASIRTELESIRAAGLFKNERVIATPQGARVRTTDGREVINLCANNYLGLSSHPQVIEAAHEALRTHGF
GLSSVRFICGTQDLHKTLEARLSAFLGTEDTILYGSAFDANGGLFETLLGAEDAVISDALNHASIIDGVRLSKARRYRYQ
HNDMDDLRVQLEQARADGARYTLVFSDGVFSMDGTVARLDEMRAICDEYGALLGIDECHATGFMGQRGRGTHEARGVFGK
IDIITGTLGAALGGASGGFTSARKEVVALLRQRSRPYLFSNTVAPAIVGASIAVLDILEASTELRDRLEGNTRFFRAGLD
RLGFDVKAGDHPIIPIMVYDADKAQQLAQRLLELGVYVVGFFYPVVPKGQARIRVQMSALHDEAALQAALDAFGQAGREL
GLILEHHHHHH
;
_entity_poly.pdbx_strand_id   A,B
#
# COMPACT_ATOMS: atom_id res chain seq x y z
N MET A 5 33.88 4.29 -18.58
CA MET A 5 32.70 3.87 -17.81
C MET A 5 32.43 4.75 -16.58
N SER A 6 31.23 5.34 -16.51
CA SER A 6 30.82 6.15 -15.37
C SER A 6 30.20 5.26 -14.31
N ASN A 7 30.05 5.81 -13.11
CA ASN A 7 29.50 5.00 -12.02
C ASN A 7 28.04 4.68 -12.28
N ALA A 8 27.26 5.70 -12.65
CA ALA A 8 25.85 5.51 -12.96
C ALA A 8 25.65 4.44 -14.04
N GLU A 9 26.44 4.50 -15.13
CA GLU A 9 26.24 3.51 -16.20
C GLU A 9 26.73 2.13 -15.77
N ALA A 10 27.82 2.09 -15.01
CA ALA A 10 28.23 0.85 -14.37
C ALA A 10 27.08 0.22 -13.61
N PHE A 11 26.35 1.02 -12.83
CA PHE A 11 25.23 0.49 -12.06
C PHE A 11 24.19 -0.15 -12.96
N TYR A 12 23.82 0.52 -14.07
CA TYR A 12 22.87 -0.06 -15.02
C TYR A 12 23.37 -1.37 -15.60
N ALA A 13 24.69 -1.50 -15.78
CA ALA A 13 25.25 -2.77 -16.26
C ALA A 13 25.04 -3.87 -15.24
N SER A 14 25.29 -3.60 -13.96
CA SER A 14 25.02 -4.57 -12.91
C SER A 14 23.55 -4.96 -12.89
N ILE A 15 22.65 -4.03 -13.21
CA ILE A 15 21.22 -4.35 -13.26
C ILE A 15 20.95 -5.35 -14.39
N ARG A 16 21.52 -5.11 -15.57
CA ARG A 16 21.26 -6.02 -16.67
C ARG A 16 22.00 -7.32 -16.52
N THR A 17 23.18 -7.31 -15.90
CA THR A 17 23.85 -8.56 -15.57
C THR A 17 22.98 -9.43 -14.67
N GLU A 18 22.36 -8.83 -13.64
CA GLU A 18 21.49 -9.63 -12.79
C GLU A 18 20.17 -9.92 -13.48
N LEU A 19 19.69 -9.03 -14.35
CA LEU A 19 18.51 -9.36 -15.14
C LEU A 19 18.77 -10.58 -16.02
N GLU A 20 19.96 -10.65 -16.64
CA GLU A 20 20.29 -11.82 -17.44
C GLU A 20 20.60 -13.02 -16.57
N SER A 21 21.23 -12.81 -15.41
CA SER A 21 21.49 -13.93 -14.52
C SER A 21 20.19 -14.61 -14.11
N ILE A 22 19.13 -13.83 -13.87
CA ILE A 22 17.85 -14.38 -13.42
C ILE A 22 17.17 -15.16 -14.54
N ARG A 23 17.26 -14.67 -15.79
CA ARG A 23 16.77 -15.47 -16.92
C ARG A 23 17.52 -16.78 -17.02
N ALA A 24 18.86 -16.71 -16.93
CA ALA A 24 19.70 -17.89 -17.08
C ALA A 24 19.28 -19.00 -16.13
N ALA A 25 18.93 -18.65 -14.89
CA ALA A 25 18.46 -19.63 -13.92
C ALA A 25 17.02 -20.05 -14.16
N GLY A 26 16.38 -19.57 -15.22
CA GLY A 26 14.97 -19.82 -15.46
C GLY A 26 14.05 -19.22 -14.40
N LEU A 27 14.50 -18.19 -13.70
CA LEU A 27 13.76 -17.64 -12.58
C LEU A 27 13.03 -16.36 -12.95
N PHE A 28 13.06 -16.00 -14.24
CA PHE A 28 12.40 -14.81 -14.76
C PHE A 28 10.89 -15.03 -14.87
N LYS A 29 10.12 -14.01 -14.50
CA LYS A 29 8.65 -14.08 -14.46
C LYS A 29 8.08 -13.20 -15.54
N ASN A 30 7.21 -13.77 -16.38
CA ASN A 30 6.59 -13.03 -17.47
C ASN A 30 5.12 -12.81 -17.15
N GLU A 31 4.66 -11.58 -17.35
CA GLU A 31 3.27 -11.23 -17.03
C GLU A 31 2.33 -11.65 -18.15
N ARG A 32 1.30 -12.41 -17.80
CA ARG A 32 0.20 -12.70 -18.71
C ARG A 32 -0.85 -11.59 -18.59
N VAL A 33 -1.37 -11.13 -19.72
CA VAL A 33 -2.15 -9.89 -19.81
C VAL A 33 -3.62 -10.28 -19.96
N ILE A 34 -4.34 -10.29 -18.83
CA ILE A 34 -5.77 -10.55 -18.81
C ILE A 34 -6.51 -9.41 -19.47
N ALA A 35 -7.53 -9.73 -20.28
CA ALA A 35 -8.27 -8.70 -21.01
C ALA A 35 -9.69 -8.52 -20.51
N THR A 36 -10.15 -9.38 -19.60
CA THR A 36 -11.49 -9.46 -19.05
C THR A 36 -11.49 -9.16 -17.56
N PRO A 37 -12.68 -8.99 -16.95
CA PRO A 37 -12.75 -8.97 -15.48
C PRO A 37 -12.25 -10.26 -14.89
N GLN A 38 -11.78 -10.17 -13.65
CA GLN A 38 -11.40 -11.37 -12.92
C GLN A 38 -12.60 -12.31 -12.85
N GLY A 39 -12.35 -13.59 -13.10
CA GLY A 39 -13.44 -14.54 -13.09
C GLY A 39 -12.91 -15.95 -13.17
N ALA A 40 -13.84 -16.89 -12.95
CA ALA A 40 -13.50 -18.31 -12.94
C ALA A 40 -13.02 -18.76 -14.30
N ARG A 41 -13.46 -18.08 -15.35
CA ARG A 41 -12.87 -18.15 -16.66
C ARG A 41 -12.53 -16.73 -17.12
N VAL A 42 -11.44 -16.63 -17.84
CA VAL A 42 -10.81 -15.36 -18.13
C VAL A 42 -10.16 -15.46 -19.50
N ARG A 43 -10.02 -14.35 -20.20
CA ARG A 43 -9.44 -14.37 -21.53
C ARG A 43 -8.27 -13.41 -21.58
N THR A 44 -7.10 -13.95 -21.95
CA THR A 44 -5.93 -13.14 -22.23
C THR A 44 -6.18 -12.22 -23.43
N THR A 45 -5.27 -11.27 -23.65
CA THR A 45 -5.41 -10.40 -24.79
C THR A 45 -5.28 -11.13 -26.12
N ASP A 46 -4.92 -12.41 -26.10
CA ASP A 46 -4.88 -13.21 -27.31
C ASP A 46 -6.24 -13.80 -27.65
N GLY A 47 -7.24 -13.60 -26.80
CA GLY A 47 -8.58 -14.09 -27.06
C GLY A 47 -8.85 -15.49 -26.55
N ARG A 48 -7.83 -16.19 -26.06
CA ARG A 48 -8.02 -17.55 -25.60
C ARG A 48 -8.65 -17.56 -24.21
N GLU A 49 -9.74 -18.29 -24.06
CA GLU A 49 -10.42 -18.40 -22.78
C GLU A 49 -9.88 -19.61 -22.03
N VAL A 50 -9.63 -19.42 -20.73
CA VAL A 50 -8.94 -20.37 -19.90
C VAL A 50 -9.57 -20.35 -18.52
N ILE A 51 -9.38 -21.44 -17.79
CA ILE A 51 -9.94 -21.59 -16.45
C ILE A 51 -8.91 -21.09 -15.42
N ASN A 52 -9.26 -20.02 -14.70
CA ASN A 52 -8.40 -19.46 -13.66
C ASN A 52 -8.50 -20.30 -12.41
N LEU A 53 -7.38 -20.90 -11.99
CA LEU A 53 -7.25 -21.53 -10.67
C LEU A 53 -6.06 -20.99 -9.88
N CYS A 54 -5.71 -19.71 -10.06
CA CYS A 54 -4.59 -19.16 -9.29
C CYS A 54 -4.88 -17.74 -8.81
N ALA A 55 -6.11 -17.48 -8.38
CA ALA A 55 -6.45 -16.18 -7.85
C ALA A 55 -6.88 -16.29 -6.39
N ASN A 56 -6.73 -15.17 -5.67
CA ASN A 56 -7.22 -15.01 -4.32
C ASN A 56 -8.72 -14.69 -4.27
N ASN A 57 -9.42 -14.85 -5.39
CA ASN A 57 -10.85 -14.58 -5.52
C ASN A 57 -11.66 -15.77 -5.02
N TYR A 58 -11.37 -16.18 -3.79
CA TYR A 58 -11.91 -17.43 -3.24
C TYR A 58 -13.43 -17.48 -3.33
N LEU A 59 -14.10 -16.38 -2.98
CA LEU A 59 -15.55 -16.39 -2.94
C LEU A 59 -16.20 -15.80 -4.20
N GLY A 60 -15.41 -15.49 -5.22
CA GLY A 60 -15.98 -14.93 -6.43
C GLY A 60 -16.41 -13.49 -6.35
N LEU A 61 -16.08 -12.81 -5.25
CA LEU A 61 -16.54 -11.44 -5.02
C LEU A 61 -15.85 -10.43 -5.91
N SER A 62 -14.78 -10.81 -6.59
CA SER A 62 -13.98 -9.83 -7.33
C SER A 62 -14.74 -9.26 -8.52
N SER A 63 -15.69 -10.02 -9.07
CA SER A 63 -16.57 -9.50 -10.10
C SER A 63 -18.03 -9.71 -9.76
N HIS A 64 -18.35 -9.95 -8.49
CA HIS A 64 -19.72 -10.16 -8.07
C HIS A 64 -20.56 -8.92 -8.36
N PRO A 65 -21.65 -9.04 -9.13
CA PRO A 65 -22.36 -7.83 -9.59
C PRO A 65 -22.95 -7.01 -8.47
N GLN A 66 -23.31 -7.62 -7.33
CA GLN A 66 -23.80 -6.82 -6.20
C GLN A 66 -22.66 -6.04 -5.57
N VAL A 67 -21.46 -6.62 -5.57
CA VAL A 67 -20.28 -5.90 -5.16
C VAL A 67 -19.96 -4.81 -6.17
N ILE A 68 -20.02 -5.16 -7.47
CA ILE A 68 -19.80 -4.15 -8.52
C ILE A 68 -20.78 -3.01 -8.37
N GLU A 69 -22.04 -3.32 -8.04
CA GLU A 69 -23.00 -2.23 -7.99
C GLU A 69 -22.76 -1.33 -6.78
N ALA A 70 -22.24 -1.88 -5.68
CA ALA A 70 -21.95 -1.02 -4.53
C ALA A 70 -20.83 -0.03 -4.85
N ALA A 71 -19.83 -0.47 -5.61
CA ALA A 71 -18.82 0.47 -6.10
C ALA A 71 -19.43 1.56 -6.99
N HIS A 72 -20.38 1.19 -7.85
CA HIS A 72 -21.06 2.18 -8.68
C HIS A 72 -21.80 3.21 -7.82
N GLU A 73 -22.47 2.72 -6.78
CA GLU A 73 -23.22 3.60 -5.89
C GLU A 73 -22.27 4.46 -5.05
N ALA A 74 -21.17 3.88 -4.59
CA ALA A 74 -20.21 4.63 -3.77
C ALA A 74 -19.50 5.71 -4.58
N LEU A 75 -19.38 5.54 -5.90
CA LEU A 75 -18.82 6.60 -6.72
C LEU A 75 -19.77 7.77 -6.83
N ARG A 76 -21.07 7.49 -7.00
CA ARG A 76 -22.05 8.55 -7.14
C ARG A 76 -22.21 9.30 -5.81
N THR A 77 -22.30 8.58 -4.70
CA THR A 77 -22.54 9.24 -3.42
C THR A 77 -21.28 9.82 -2.81
N HIS A 78 -20.11 9.22 -3.06
CA HIS A 78 -18.90 9.53 -2.29
C HIS A 78 -17.66 9.79 -3.13
N GLY A 79 -17.78 9.85 -4.47
CA GLY A 79 -16.67 10.31 -5.27
C GLY A 79 -15.68 9.21 -5.62
N PHE A 80 -14.68 9.60 -6.40
CA PHE A 80 -13.70 8.64 -6.91
C PHE A 80 -12.53 8.47 -5.93
N GLY A 81 -11.89 9.59 -5.59
CA GLY A 81 -10.75 9.57 -4.71
C GLY A 81 -10.88 10.61 -3.61
N LEU A 82 -10.15 10.39 -2.54
CA LEU A 82 -10.16 11.33 -1.42
C LEU A 82 -8.90 12.16 -1.32
N SER A 83 -7.77 11.64 -1.82
CA SER A 83 -6.50 12.38 -1.88
C SER A 83 -6.14 12.95 -0.52
N SER A 84 -6.05 12.07 0.46
CA SER A 84 -5.72 12.49 1.81
C SER A 84 -5.58 11.30 2.73
N VAL A 85 -4.68 11.40 3.69
CA VAL A 85 -4.61 10.41 4.75
C VAL A 85 -5.85 10.60 5.61
N ARG A 86 -6.10 9.63 6.50
CA ARG A 86 -7.33 9.64 7.28
C ARG A 86 -7.44 10.87 8.16
N PHE A 87 -6.34 11.29 8.80
CA PHE A 87 -6.44 12.32 9.82
C PHE A 87 -6.58 13.71 9.24
N ILE A 88 -6.40 13.90 7.94
CA ILE A 88 -6.58 15.22 7.35
C ILE A 88 -7.99 15.37 6.79
N CYS A 89 -8.26 14.90 5.58
CA CYS A 89 -9.65 14.89 5.06
C CYS A 89 -9.89 13.65 4.24
N GLY A 90 -9.50 12.50 4.77
CA GLY A 90 -9.68 11.25 4.08
C GLY A 90 -10.53 10.24 4.83
N THR A 91 -11.19 10.67 5.91
CA THR A 91 -12.12 9.84 6.66
C THR A 91 -13.55 10.19 6.28
N GLN A 92 -14.19 9.34 5.50
CA GLN A 92 -15.61 9.47 5.21
C GLN A 92 -16.39 8.60 6.18
N ASP A 93 -17.73 8.73 6.14
CA ASP A 93 -18.53 7.90 7.02
C ASP A 93 -18.37 6.42 6.65
N LEU A 94 -18.00 6.14 5.41
CA LEU A 94 -17.87 4.77 4.97
C LEU A 94 -16.76 4.05 5.73
N HIS A 95 -15.56 4.65 5.79
CA HIS A 95 -14.46 4.06 6.52
C HIS A 95 -14.82 3.73 7.98
N LYS A 96 -15.46 4.67 8.69
CA LYS A 96 -15.89 4.40 10.06
C LYS A 96 -16.86 3.23 10.11
N THR A 97 -17.87 3.26 9.24
CA THR A 97 -18.84 2.17 9.15
C THR A 97 -18.17 0.83 8.83
N LEU A 98 -17.42 0.77 7.74
CA LEU A 98 -16.72 -0.47 7.42
C LEU A 98 -15.84 -0.93 8.58
N GLU A 99 -15.29 0.02 9.34
CA GLU A 99 -14.40 -0.37 10.44
C GLU A 99 -15.19 -1.03 11.57
N ALA A 100 -16.39 -0.52 11.83
CA ALA A 100 -17.26 -1.19 12.80
C ALA A 100 -17.68 -2.56 12.30
N ARG A 101 -17.94 -2.72 11.00
CA ARG A 101 -18.42 -4.01 10.50
C ARG A 101 -17.33 -5.07 10.53
N LEU A 102 -16.08 -4.70 10.22
CA LEU A 102 -14.98 -5.66 10.28
C LEU A 102 -14.72 -6.09 11.72
N SER A 103 -14.80 -5.15 12.66
CA SER A 103 -14.57 -5.48 14.07
C SER A 103 -15.59 -6.50 14.57
N ALA A 104 -16.86 -6.32 14.20
CA ALA A 104 -17.91 -7.25 14.61
C ALA A 104 -17.77 -8.59 13.91
N PHE A 105 -17.55 -8.55 12.60
CA PHE A 105 -17.28 -9.75 11.83
C PHE A 105 -16.17 -10.57 12.47
N LEU A 106 -15.07 -9.90 12.82
CA LEU A 106 -13.85 -10.56 13.22
C LEU A 106 -13.75 -10.85 14.70
N GLY A 107 -14.63 -10.28 15.51
CA GLY A 107 -14.64 -10.57 16.93
C GLY A 107 -13.80 -9.65 17.75
N THR A 108 -13.55 -8.42 17.29
CA THR A 108 -12.63 -7.50 17.95
C THR A 108 -13.32 -6.18 18.28
N GLU A 109 -12.61 -5.37 19.06
CA GLU A 109 -13.21 -4.14 19.57
C GLU A 109 -13.24 -3.04 18.51
N ASP A 110 -12.14 -2.87 17.76
CA ASP A 110 -12.03 -1.79 16.77
C ASP A 110 -11.21 -2.31 15.59
N THR A 111 -11.06 -1.46 14.58
CA THR A 111 -10.38 -1.87 13.36
C THR A 111 -9.84 -0.63 12.66
N ILE A 112 -8.64 -0.72 12.11
CA ILE A 112 -7.99 0.40 11.45
C ILE A 112 -7.70 0.00 10.02
N LEU A 113 -8.10 0.86 9.07
CA LEU A 113 -7.95 0.56 7.66
C LEU A 113 -6.58 1.02 7.18
N TYR A 114 -5.95 0.17 6.37
CA TYR A 114 -4.74 0.49 5.64
C TYR A 114 -4.97 0.32 4.14
N GLY A 115 -4.02 0.84 3.34
CA GLY A 115 -4.08 0.71 1.89
C GLY A 115 -3.79 -0.69 1.38
N SER A 116 -3.11 -1.52 2.15
CA SER A 116 -2.93 -2.93 1.82
C SER A 116 -2.72 -3.70 3.11
N ALA A 117 -2.83 -5.03 3.02
CA ALA A 117 -2.30 -5.83 4.11
C ALA A 117 -0.78 -5.65 4.24
N PHE A 118 -0.09 -5.45 3.13
CA PHE A 118 1.34 -5.14 3.21
C PHE A 118 1.61 -4.03 4.20
N ASP A 119 0.82 -2.95 4.13
CA ASP A 119 1.06 -1.80 4.99
C ASP A 119 0.53 -2.00 6.39
N ALA A 120 -0.51 -2.83 6.55
CA ALA A 120 -0.96 -3.17 7.89
C ALA A 120 0.16 -3.85 8.67
N ASN A 121 0.78 -4.88 8.10
CA ASN A 121 1.97 -5.47 8.71
C ASN A 121 3.09 -4.44 8.82
N GLY A 122 3.31 -3.65 7.76
CA GLY A 122 4.41 -2.70 7.78
C GLY A 122 4.31 -1.65 8.88
N GLY A 123 3.10 -1.28 9.27
CA GLY A 123 2.90 -0.33 10.34
C GLY A 123 2.53 -0.92 11.70
N LEU A 124 2.68 -2.21 11.90
CA LEU A 124 2.12 -2.84 13.11
C LEU A 124 3.13 -2.90 14.26
N PHE A 125 4.28 -3.52 14.02
CA PHE A 125 5.22 -3.83 15.09
C PHE A 125 5.98 -2.60 15.60
N GLU A 126 6.43 -1.73 14.69
CA GLU A 126 7.18 -0.54 15.10
C GLU A 126 6.35 0.36 16.02
N THR A 127 5.03 0.36 15.87
CA THR A 127 4.16 1.18 16.72
C THR A 127 3.95 0.55 18.10
N LEU A 128 3.69 -0.75 18.17
CA LEU A 128 3.33 -1.37 19.44
C LEU A 128 4.52 -1.89 20.23
N LEU A 129 5.70 -2.02 19.64
CA LEU A 129 6.79 -2.73 20.29
C LEU A 129 8.04 -1.84 20.34
N GLY A 130 8.93 -2.20 21.28
CA GLY A 130 10.15 -1.44 21.52
C GLY A 130 11.32 -2.39 21.67
N ALA A 131 12.51 -1.80 21.87
CA ALA A 131 13.75 -2.57 21.91
C ALA A 131 13.72 -3.63 22.99
N GLU A 132 12.98 -3.38 24.05
CA GLU A 132 12.87 -4.30 25.17
C GLU A 132 11.88 -5.44 24.92
N ASP A 133 11.12 -5.39 23.84
CA ASP A 133 10.09 -6.39 23.55
C ASP A 133 10.55 -7.37 22.48
N ALA A 134 9.81 -8.48 22.36
CA ALA A 134 10.16 -9.57 21.46
C ALA A 134 9.03 -9.89 20.51
N VAL A 135 9.37 -10.19 19.25
CA VAL A 135 8.44 -10.77 18.28
C VAL A 135 8.94 -12.16 17.94
N ILE A 136 8.03 -13.13 17.89
CA ILE A 136 8.40 -14.51 17.64
C ILE A 136 7.57 -15.02 16.47
N SER A 137 8.19 -15.15 15.32
CA SER A 137 7.51 -15.41 14.06
C SER A 137 7.66 -16.87 13.68
N ASP A 138 6.59 -17.45 13.14
CA ASP A 138 6.73 -18.68 12.38
C ASP A 138 7.66 -18.43 11.21
N ALA A 139 8.58 -19.37 10.99
CA ALA A 139 9.65 -19.19 10.01
C ALA A 139 9.14 -18.97 8.59
N LEU A 140 7.89 -19.32 8.30
CA LEU A 140 7.33 -19.11 6.97
C LEU A 140 6.41 -17.89 6.89
N ASN A 141 6.61 -16.90 7.77
CA ASN A 141 5.72 -15.76 7.81
C ASN A 141 5.84 -14.96 6.53
N HIS A 142 4.72 -14.41 6.10
CA HIS A 142 4.68 -13.64 4.86
C HIS A 142 5.73 -12.54 4.86
N ALA A 143 6.22 -12.22 3.66
CA ALA A 143 7.22 -11.17 3.50
C ALA A 143 6.80 -9.85 4.13
N SER A 144 5.50 -9.52 4.12
CA SER A 144 5.11 -8.24 4.68
C SER A 144 5.28 -8.23 6.20
N ILE A 145 5.15 -9.39 6.85
CA ILE A 145 5.38 -9.47 8.28
C ILE A 145 6.86 -9.27 8.59
N ILE A 146 7.73 -9.99 7.87
CA ILE A 146 9.17 -9.87 8.08
C ILE A 146 9.59 -8.40 7.99
N ASP A 147 9.15 -7.71 6.94
CA ASP A 147 9.53 -6.31 6.78
C ASP A 147 8.95 -5.44 7.90
N GLY A 148 7.71 -5.68 8.29
CA GLY A 148 7.15 -4.96 9.43
C GLY A 148 7.95 -5.19 10.69
N VAL A 149 8.44 -6.41 10.89
CA VAL A 149 9.31 -6.71 12.02
C VAL A 149 10.66 -6.01 11.86
N ARG A 150 11.25 -6.07 10.66
CA ARG A 150 12.52 -5.41 10.40
C ARG A 150 12.43 -3.89 10.58
N LEU A 151 11.25 -3.32 10.39
CA LEU A 151 11.09 -1.90 10.63
C LEU A 151 10.91 -1.56 12.11
N SER A 152 10.64 -2.55 12.98
CA SER A 152 10.52 -2.36 14.42
C SER A 152 11.87 -2.54 15.11
N LYS A 153 11.90 -2.20 16.40
CA LYS A 153 13.09 -2.29 17.21
C LYS A 153 13.12 -3.54 18.08
N ALA A 154 12.09 -4.37 18.01
CA ALA A 154 11.97 -5.50 18.93
C ALA A 154 13.06 -6.55 18.68
N ARG A 155 13.25 -7.40 19.69
CA ARG A 155 14.13 -8.55 19.56
C ARG A 155 13.39 -9.65 18.80
N ARG A 156 14.13 -10.37 17.95
CA ARG A 156 13.55 -11.19 16.90
C ARG A 156 13.83 -12.67 17.17
N TYR A 157 12.79 -13.49 17.04
CA TYR A 157 12.93 -14.93 17.13
C TYR A 157 12.11 -15.57 16.01
N ARG A 158 12.62 -16.66 15.47
CA ARG A 158 11.93 -17.47 14.46
C ARG A 158 11.80 -18.88 15.00
N TYR A 159 10.67 -19.53 14.71
CA TYR A 159 10.49 -20.92 15.07
C TYR A 159 10.09 -21.71 13.84
N GLN A 160 10.51 -22.97 13.82
CA GLN A 160 10.22 -23.86 12.71
C GLN A 160 8.74 -23.88 12.37
N HIS A 161 8.45 -23.94 11.08
CA HIS A 161 7.12 -23.88 10.52
C HIS A 161 6.16 -24.82 11.26
N ASN A 162 5.12 -24.24 11.85
CA ASN A 162 4.08 -24.94 12.61
C ASN A 162 4.64 -25.79 13.75
N ASP A 163 5.90 -25.56 14.17
CA ASP A 163 6.54 -26.37 15.19
C ASP A 163 6.22 -25.80 16.57
N MET A 164 5.23 -26.40 17.23
CA MET A 164 4.80 -25.92 18.54
C MET A 164 5.89 -26.06 19.59
N ASP A 165 6.77 -27.07 19.45
CA ASP A 165 7.84 -27.20 20.44
C ASP A 165 8.98 -26.24 20.16
N ASP A 166 9.28 -25.97 18.87
CA ASP A 166 10.15 -24.82 18.59
C ASP A 166 9.54 -23.53 19.11
N LEU A 167 8.22 -23.39 19.03
CA LEU A 167 7.60 -22.16 19.53
C LEU A 167 7.89 -21.99 21.01
N ARG A 168 7.91 -23.09 21.76
CA ARG A 168 8.24 -23.00 23.18
C ARG A 168 9.73 -22.76 23.41
N VAL A 169 10.59 -23.28 22.53
CA VAL A 169 12.03 -23.02 22.67
C VAL A 169 12.34 -21.54 22.49
N GLN A 170 11.59 -20.86 21.62
CA GLN A 170 11.85 -19.44 21.40
C GLN A 170 11.34 -18.61 22.57
N LEU A 171 10.12 -18.89 23.03
CA LEU A 171 9.57 -18.13 24.14
C LEU A 171 10.42 -18.30 25.39
N GLU A 172 11.05 -19.46 25.55
CA GLU A 172 12.04 -19.64 26.61
C GLU A 172 13.18 -18.65 26.44
N GLN A 173 13.78 -18.64 25.25
CA GLN A 173 14.92 -17.75 25.00
C GLN A 173 14.51 -16.30 25.10
N ALA A 174 13.34 -15.95 24.56
CA ALA A 174 12.86 -14.57 24.63
C ALA A 174 12.77 -14.13 26.09
N ARG A 175 12.18 -14.97 26.94
CA ARG A 175 12.13 -14.63 28.36
C ARG A 175 13.53 -14.63 28.98
N ALA A 176 14.31 -15.68 28.69
CA ALA A 176 15.68 -15.72 29.19
C ALA A 176 16.43 -14.45 28.82
N ASP A 177 16.30 -14.03 27.55
CA ASP A 177 16.89 -12.79 27.05
C ASP A 177 16.29 -11.54 27.69
N GLY A 178 15.24 -11.68 28.48
CA GLY A 178 14.71 -10.53 29.19
C GLY A 178 13.59 -9.77 28.51
N ALA A 179 12.89 -10.38 27.54
CA ALA A 179 11.76 -9.72 26.87
C ALA A 179 10.81 -9.08 27.88
N ARG A 180 10.34 -7.88 27.56
CA ARG A 180 9.28 -7.26 28.37
C ARG A 180 7.93 -7.80 27.93
N TYR A 181 7.38 -7.28 26.84
CA TYR A 181 6.22 -7.90 26.23
C TYR A 181 6.68 -8.77 25.07
N THR A 182 5.84 -9.72 24.69
CA THR A 182 6.20 -10.68 23.65
C THR A 182 5.00 -10.93 22.76
N LEU A 183 5.20 -10.86 21.44
CA LEU A 183 4.15 -11.11 20.47
C LEU A 183 4.52 -12.32 19.62
N VAL A 184 3.70 -13.36 19.67
CA VAL A 184 3.80 -14.49 18.74
C VAL A 184 3.00 -14.13 17.51
N PHE A 185 3.58 -14.32 16.34
CA PHE A 185 2.93 -13.87 15.12
C PHE A 185 3.15 -14.86 13.98
N SER A 186 2.05 -15.20 13.30
CA SER A 186 2.09 -16.22 12.26
C SER A 186 0.95 -15.96 11.28
N ASP A 187 1.19 -16.32 10.02
CA ASP A 187 0.08 -16.41 9.08
C ASP A 187 -1.01 -17.28 9.70
N GLY A 188 -2.26 -16.85 9.59
CA GLY A 188 -3.34 -17.71 9.97
C GLY A 188 -3.39 -18.90 9.04
N VAL A 189 -3.45 -18.61 7.75
CA VAL A 189 -3.29 -19.61 6.70
C VAL A 189 -2.11 -19.19 5.86
N PHE A 190 -1.14 -20.09 5.71
CA PHE A 190 0.12 -19.77 5.04
C PHE A 190 -0.07 -19.73 3.53
N SER A 191 0.33 -18.62 2.91
CA SER A 191 0.00 -18.40 1.51
C SER A 191 0.62 -19.44 0.59
N MET A 192 1.84 -19.89 0.90
CA MET A 192 2.62 -20.70 -0.02
C MET A 192 2.38 -22.21 0.09
N ASP A 193 1.85 -22.71 1.21
CA ASP A 193 1.60 -24.15 1.33
C ASP A 193 0.20 -24.50 1.80
N GLY A 194 -0.66 -23.52 2.06
CA GLY A 194 -2.02 -23.78 2.47
C GLY A 194 -2.19 -24.34 3.86
N THR A 195 -1.11 -24.59 4.60
CA THR A 195 -1.27 -25.12 5.94
C THR A 195 -1.96 -24.09 6.84
N VAL A 196 -2.52 -24.58 7.94
CA VAL A 196 -3.35 -23.79 8.84
C VAL A 196 -2.64 -23.73 10.20
N ALA A 197 -2.36 -22.53 10.66
CA ALA A 197 -1.66 -22.36 11.92
C ALA A 197 -2.44 -23.01 13.07
N ARG A 198 -1.70 -23.52 14.06
CA ARG A 198 -2.29 -24.26 15.17
C ARG A 198 -2.67 -23.28 16.26
N LEU A 199 -3.72 -22.50 15.97
CA LEU A 199 -4.04 -21.31 16.76
C LEU A 199 -4.50 -21.68 18.16
N ASP A 200 -5.24 -22.77 18.30
CA ASP A 200 -5.71 -23.16 19.63
C ASP A 200 -4.55 -23.51 20.52
N GLU A 201 -3.59 -24.27 19.98
CA GLU A 201 -2.37 -24.57 20.71
C GLU A 201 -1.58 -23.30 21.02
N MET A 202 -1.41 -22.43 20.03
CA MET A 202 -0.60 -21.23 20.23
C MET A 202 -1.23 -20.30 21.27
N ARG A 203 -2.55 -20.15 21.23
CA ARG A 203 -3.23 -19.43 22.30
C ARG A 203 -2.86 -20.01 23.66
N ALA A 204 -2.81 -21.34 23.77
CA ALA A 204 -2.48 -21.95 25.05
C ALA A 204 -1.01 -21.71 25.42
N ILE A 205 -0.11 -21.93 24.46
CA ILE A 205 1.30 -21.64 24.67
C ILE A 205 1.50 -20.18 25.09
N CYS A 206 0.80 -19.25 24.42
CA CYS A 206 0.95 -17.83 24.75
C CYS A 206 0.45 -17.53 26.15
N ASP A 207 -0.74 -18.02 26.49
CA ASP A 207 -1.27 -17.79 27.84
C ASP A 207 -0.25 -18.20 28.89
N GLU A 208 0.45 -19.32 28.66
CA GLU A 208 1.44 -19.83 29.61
C GLU A 208 2.56 -18.83 29.84
N TYR A 209 3.20 -18.37 28.77
CA TYR A 209 4.28 -17.40 28.89
C TYR A 209 3.78 -15.98 29.06
N GLY A 210 2.49 -15.72 28.85
CA GLY A 210 1.98 -14.36 28.95
C GLY A 210 2.23 -13.51 27.73
N ALA A 211 2.24 -14.11 26.54
CA ALA A 211 2.53 -13.42 25.28
C ALA A 211 1.24 -13.05 24.55
N LEU A 212 1.34 -12.02 23.70
CA LEU A 212 0.24 -11.69 22.81
C LEU A 212 0.25 -12.61 21.60
N LEU A 213 -0.94 -12.81 21.02
CA LEU A 213 -1.11 -13.64 19.83
C LEU A 213 -1.62 -12.78 18.69
N GLY A 214 -0.90 -12.78 17.57
CA GLY A 214 -1.31 -12.07 16.38
C GLY A 214 -1.37 -13.01 15.19
N ILE A 215 -2.31 -12.73 14.28
CA ILE A 215 -2.49 -13.52 13.06
C ILE A 215 -2.69 -12.62 11.85
N ASP A 216 -2.16 -13.06 10.72
CA ASP A 216 -2.35 -12.43 9.40
C ASP A 216 -3.31 -13.32 8.63
N GLU A 217 -4.51 -12.82 8.35
CA GLU A 217 -5.61 -13.66 7.94
C GLU A 217 -5.97 -13.53 6.47
N CYS A 218 -5.05 -13.00 5.64
CA CYS A 218 -5.34 -12.73 4.22
C CYS A 218 -5.94 -13.93 3.49
N HIS A 219 -5.58 -15.14 3.92
CA HIS A 219 -6.05 -16.37 3.29
C HIS A 219 -7.04 -17.14 4.19
N ALA A 220 -7.88 -16.39 4.91
CA ALA A 220 -8.85 -17.01 5.80
C ALA A 220 -10.13 -16.20 5.91
N THR A 221 -10.02 -14.88 5.93
CA THR A 221 -11.18 -14.03 6.19
C THR A 221 -12.21 -14.17 5.08
N GLY A 222 -13.43 -14.54 5.46
CA GLY A 222 -14.52 -14.74 4.53
C GLY A 222 -14.86 -16.21 4.28
N PHE A 223 -13.96 -17.15 4.54
CA PHE A 223 -14.26 -18.54 4.18
C PHE A 223 -13.70 -19.62 5.11
N MET A 224 -12.82 -19.28 6.05
CA MET A 224 -12.36 -20.25 7.04
C MET A 224 -13.25 -20.18 8.27
N GLY A 225 -13.55 -21.34 8.83
CA GLY A 225 -14.54 -21.33 9.90
C GLY A 225 -15.95 -21.42 9.36
N GLN A 226 -16.81 -22.10 10.13
CA GLN A 226 -18.18 -22.39 9.72
C GLN A 226 -18.90 -21.16 9.16
N ARG A 227 -18.75 -20.00 9.84
CA ARG A 227 -19.32 -18.75 9.38
C ARG A 227 -18.34 -17.88 8.61
N GLY A 228 -17.32 -18.48 8.00
CA GLY A 228 -16.34 -17.74 7.22
C GLY A 228 -15.59 -16.64 7.97
N ARG A 229 -15.48 -16.72 9.30
CA ARG A 229 -14.88 -15.60 10.04
C ARG A 229 -13.37 -15.67 10.05
N GLY A 230 -12.80 -16.85 9.93
CA GLY A 230 -11.37 -16.96 9.78
C GLY A 230 -10.77 -18.08 10.60
N THR A 231 -9.45 -18.22 10.46
CA THR A 231 -8.73 -19.29 11.11
C THR A 231 -9.03 -19.37 12.60
N HIS A 232 -9.14 -18.20 13.26
CA HIS A 232 -9.45 -18.24 14.69
C HIS A 232 -10.83 -18.84 14.95
N GLU A 233 -11.82 -18.52 14.10
CA GLU A 233 -13.10 -19.21 14.25
C GLU A 233 -12.93 -20.71 14.04
N ALA A 234 -12.17 -21.10 13.01
CA ALA A 234 -12.00 -22.51 12.69
C ALA A 234 -11.24 -23.28 13.76
N ARG A 235 -10.55 -22.61 14.69
CA ARG A 235 -9.75 -23.26 15.72
C ARG A 235 -10.25 -22.99 17.13
N GLY A 236 -11.54 -22.65 17.29
CA GLY A 236 -12.12 -22.45 18.59
C GLY A 236 -11.67 -21.20 19.33
N VAL A 237 -10.86 -20.35 18.73
CA VAL A 237 -10.32 -19.20 19.45
C VAL A 237 -10.90 -17.89 18.91
N PHE A 238 -12.07 -17.93 18.28
CA PHE A 238 -12.77 -16.69 17.98
C PHE A 238 -12.97 -15.91 19.26
N GLY A 239 -12.59 -14.63 19.24
CA GLY A 239 -12.72 -13.75 20.38
C GLY A 239 -11.52 -13.69 21.28
N LYS A 240 -10.47 -14.47 21.02
CA LYS A 240 -9.31 -14.58 21.89
C LYS A 240 -8.01 -14.32 21.12
N ILE A 241 -8.08 -13.48 20.09
CA ILE A 241 -6.92 -13.10 19.30
C ILE A 241 -6.55 -11.67 19.67
N ASP A 242 -5.26 -11.44 19.95
CA ASP A 242 -4.86 -10.07 20.30
C ASP A 242 -4.88 -9.16 19.08
N ILE A 243 -4.44 -9.67 17.93
CA ILE A 243 -4.17 -8.82 16.78
C ILE A 243 -4.50 -9.60 15.52
N ILE A 244 -5.40 -9.05 14.71
CA ILE A 244 -5.66 -9.58 13.38
C ILE A 244 -5.27 -8.53 12.37
N THR A 245 -4.31 -8.85 11.49
CA THR A 245 -4.11 -8.04 10.30
C THR A 245 -4.65 -8.78 9.10
N GLY A 246 -4.98 -8.06 8.04
CA GLY A 246 -5.61 -8.72 6.93
C GLY A 246 -5.75 -7.83 5.72
N THR A 247 -6.49 -8.34 4.74
CA THR A 247 -6.58 -7.74 3.43
C THR A 247 -8.04 -7.73 3.00
N LEU A 248 -8.41 -6.68 2.28
CA LEU A 248 -9.64 -6.61 1.50
C LEU A 248 -9.42 -7.06 0.07
N GLY A 249 -8.18 -7.40 -0.29
CA GLY A 249 -7.80 -7.70 -1.65
C GLY A 249 -7.78 -9.17 -2.04
N ALA A 250 -8.29 -10.05 -1.18
CA ALA A 250 -8.46 -11.44 -1.54
C ALA A 250 -9.95 -11.79 -1.55
N ALA A 251 -10.44 -12.55 -0.54
CA ALA A 251 -11.82 -13.01 -0.57
C ALA A 251 -12.85 -11.91 -0.31
N LEU A 252 -12.45 -10.79 0.29
CA LEU A 252 -13.39 -9.72 0.64
C LEU A 252 -13.55 -8.65 -0.45
N GLY A 253 -13.24 -8.98 -1.71
CA GLY A 253 -13.46 -8.00 -2.76
C GLY A 253 -12.37 -7.96 -3.81
N GLY A 254 -11.11 -8.09 -3.39
CA GLY A 254 -10.01 -8.25 -4.31
C GLY A 254 -9.49 -6.98 -4.97
N ALA A 255 -9.96 -5.82 -4.54
CA ALA A 255 -9.62 -4.58 -5.22
C ALA A 255 -8.43 -3.87 -4.58
N SER A 256 -8.49 -3.58 -3.27
CA SER A 256 -7.42 -2.86 -2.61
C SER A 256 -7.77 -2.71 -1.14
N GLY A 257 -6.75 -2.45 -0.34
CA GLY A 257 -6.98 -2.12 1.05
C GLY A 257 -6.74 -3.29 1.99
N GLY A 258 -6.50 -2.97 3.25
CA GLY A 258 -6.27 -3.96 4.27
C GLY A 258 -6.66 -3.41 5.62
N PHE A 259 -6.20 -4.03 6.71
CA PHE A 259 -6.74 -3.66 8.01
C PHE A 259 -5.94 -4.31 9.12
N THR A 260 -6.05 -3.73 10.31
CA THR A 260 -5.64 -4.37 11.55
C THR A 260 -6.78 -4.30 12.54
N SER A 261 -7.16 -5.45 13.08
CA SER A 261 -8.28 -5.55 14.01
C SER A 261 -7.74 -5.98 15.36
N ALA A 262 -8.17 -5.27 16.42
CA ALA A 262 -7.67 -5.52 17.77
C ALA A 262 -8.54 -4.79 18.80
N ARG A 263 -8.02 -4.58 20.03
CA ARG A 263 -8.75 -3.83 21.05
C ARG A 263 -8.69 -2.34 20.78
N LYS A 264 -9.61 -1.61 21.42
CA LYS A 264 -9.79 -0.19 21.12
C LYS A 264 -8.49 0.58 21.30
N GLU A 265 -7.72 0.25 22.34
CA GLU A 265 -6.55 1.06 22.64
C GLU A 265 -5.36 0.70 21.77
N VAL A 266 -5.28 -0.55 21.27
CA VAL A 266 -4.26 -0.87 20.28
C VAL A 266 -4.55 -0.14 18.97
N VAL A 267 -5.80 -0.16 18.55
CA VAL A 267 -6.18 0.49 17.30
C VAL A 267 -5.99 1.99 17.41
N ALA A 268 -6.25 2.56 18.58
CA ALA A 268 -6.12 4.00 18.73
C ALA A 268 -4.66 4.44 18.63
N LEU A 269 -3.74 3.65 19.19
CA LEU A 269 -2.32 3.96 19.01
C LEU A 269 -1.91 3.85 17.54
N LEU A 270 -2.42 2.84 16.83
CA LEU A 270 -2.08 2.75 15.41
C LEU A 270 -2.58 3.96 14.64
N ARG A 271 -3.75 4.49 14.98
CA ARG A 271 -4.18 5.73 14.32
C ARG A 271 -3.24 6.88 14.66
N GLN A 272 -2.77 6.95 15.90
CA GLN A 272 -1.96 8.09 16.26
C GLN A 272 -0.52 7.95 15.77
N ARG A 273 0.02 6.73 15.65
CA ARG A 273 1.44 6.59 15.38
C ARG A 273 1.84 5.68 14.22
N SER A 274 0.92 4.92 13.62
CA SER A 274 1.31 3.94 12.61
C SER A 274 1.71 4.63 11.32
N ARG A 275 2.95 4.43 10.89
CA ARG A 275 3.50 5.25 9.81
C ARG A 275 2.73 5.17 8.48
N PRO A 276 2.33 4.01 7.98
CA PRO A 276 1.47 3.99 6.77
C PRO A 276 0.08 4.57 6.97
N TYR A 277 -0.49 4.58 8.18
CA TYR A 277 -1.78 5.24 8.36
C TYR A 277 -1.63 6.76 8.38
N LEU A 278 -0.51 7.26 8.92
CA LEU A 278 -0.25 8.71 8.96
C LEU A 278 0.16 9.26 7.60
N PHE A 279 0.91 8.48 6.82
CA PHE A 279 1.65 9.03 5.70
C PHE A 279 1.27 8.45 4.35
N SER A 280 0.17 7.72 4.25
CA SER A 280 -0.20 7.14 2.97
C SER A 280 -1.71 7.24 2.78
N ASN A 281 -2.12 7.27 1.52
CA ASN A 281 -3.49 7.64 1.17
C ASN A 281 -4.52 6.72 1.83
N THR A 282 -5.68 7.29 2.14
CA THR A 282 -6.82 6.52 2.64
C THR A 282 -7.41 5.65 1.52
N VAL A 283 -8.06 4.56 1.93
CA VAL A 283 -8.70 3.66 0.96
C VAL A 283 -9.79 4.41 0.17
N ALA A 284 -9.88 4.09 -1.12
CA ALA A 284 -10.78 4.84 -2.00
C ALA A 284 -12.24 4.67 -1.58
N PRO A 285 -13.07 5.70 -1.81
CA PRO A 285 -14.50 5.60 -1.46
C PRO A 285 -15.20 4.39 -2.04
N ALA A 286 -14.98 4.10 -3.33
CA ALA A 286 -15.67 2.97 -3.96
C ALA A 286 -15.26 1.65 -3.33
N ILE A 287 -14.01 1.52 -2.86
CA ILE A 287 -13.58 0.25 -2.26
C ILE A 287 -14.23 0.06 -0.90
N VAL A 288 -14.24 1.11 -0.06
CA VAL A 288 -14.85 0.99 1.26
C VAL A 288 -16.32 0.58 1.13
N GLY A 289 -17.04 1.22 0.22
CA GLY A 289 -18.47 0.97 0.10
C GLY A 289 -18.78 -0.40 -0.44
N ALA A 290 -17.90 -0.93 -1.30
CA ALA A 290 -18.05 -2.30 -1.78
C ALA A 290 -17.73 -3.29 -0.69
N SER A 291 -16.76 -2.95 0.16
CA SER A 291 -16.41 -3.82 1.27
C SER A 291 -17.57 -3.95 2.25
N ILE A 292 -18.31 -2.88 2.45
CA ILE A 292 -19.49 -2.94 3.30
C ILE A 292 -20.53 -3.87 2.69
N ALA A 293 -20.64 -3.86 1.36
CA ALA A 293 -21.55 -4.79 0.69
C ALA A 293 -21.09 -6.24 0.82
N VAL A 294 -19.78 -6.47 0.83
CA VAL A 294 -19.24 -7.82 0.94
C VAL A 294 -19.62 -8.43 2.30
N LEU A 295 -19.67 -7.60 3.34
CA LEU A 295 -20.02 -8.11 4.65
C LEU A 295 -21.52 -8.41 4.76
N ASP A 296 -22.37 -7.66 4.07
CA ASP A 296 -23.78 -8.03 4.04
C ASP A 296 -23.98 -9.37 3.35
N ILE A 297 -23.24 -9.60 2.27
CA ILE A 297 -23.36 -10.84 1.52
C ILE A 297 -22.95 -12.03 2.39
N LEU A 298 -21.83 -11.90 3.08
CA LEU A 298 -21.25 -12.99 3.87
C LEU A 298 -21.93 -13.17 5.22
N GLU A 299 -22.49 -12.11 5.79
CA GLU A 299 -23.23 -12.31 7.02
C GLU A 299 -24.62 -12.87 6.76
N ALA A 300 -25.11 -12.77 5.53
CA ALA A 300 -26.45 -13.22 5.20
C ALA A 300 -26.54 -14.70 4.90
N SER A 301 -25.43 -15.34 4.54
CA SER A 301 -25.50 -16.75 4.19
C SER A 301 -24.09 -17.30 4.04
N THR A 302 -23.87 -18.50 4.54
CA THR A 302 -22.58 -19.18 4.42
C THR A 302 -22.45 -19.99 3.15
N GLU A 303 -23.39 -19.88 2.21
CA GLU A 303 -23.08 -20.27 0.85
C GLU A 303 -21.91 -19.42 0.37
N LEU A 304 -21.28 -19.86 -0.71
CA LEU A 304 -19.98 -19.35 -1.16
C LEU A 304 -18.87 -20.00 -0.37
N ARG A 305 -18.81 -19.78 0.96
CA ARG A 305 -17.80 -20.50 1.73
C ARG A 305 -18.13 -21.98 1.79
N ASP A 306 -19.41 -22.36 1.82
CA ASP A 306 -19.77 -23.76 1.76
C ASP A 306 -19.50 -24.31 0.38
N ARG A 307 -19.83 -23.53 -0.65
CA ARG A 307 -19.54 -23.93 -2.01
C ARG A 307 -18.04 -24.04 -2.24
N LEU A 308 -17.25 -23.10 -1.69
CA LEU A 308 -15.81 -23.18 -1.84
C LEU A 308 -15.28 -24.47 -1.26
N GLU A 309 -15.70 -24.79 -0.02
CA GLU A 309 -15.27 -26.02 0.63
C GLU A 309 -15.53 -27.23 -0.26
N GLY A 310 -16.72 -27.30 -0.84
CA GLY A 310 -17.06 -28.36 -1.78
C GLY A 310 -16.12 -28.43 -2.95
N ASN A 311 -16.01 -27.33 -3.71
CA ASN A 311 -15.17 -27.31 -4.89
C ASN A 311 -13.76 -27.79 -4.59
N THR A 312 -13.23 -27.44 -3.42
CA THR A 312 -11.88 -27.87 -3.06
C THR A 312 -11.88 -29.34 -2.65
N ARG A 313 -12.86 -29.75 -1.84
CA ARG A 313 -12.94 -31.15 -1.47
C ARG A 313 -13.02 -32.03 -2.71
N PHE A 314 -13.65 -31.54 -3.77
CA PHE A 314 -13.75 -32.31 -5.00
C PHE A 314 -12.46 -32.26 -5.81
N PHE A 315 -11.88 -31.07 -5.96
CA PHE A 315 -10.67 -30.93 -6.78
C PHE A 315 -9.45 -31.52 -6.09
N ARG A 316 -9.42 -31.52 -4.76
CA ARG A 316 -8.35 -32.23 -4.06
C ARG A 316 -8.49 -33.73 -4.29
N ALA A 317 -9.67 -34.27 -3.96
CA ALA A 317 -9.95 -35.68 -4.27
C ALA A 317 -9.68 -35.99 -5.74
N GLY A 318 -9.78 -35.00 -6.62
CA GLY A 318 -9.43 -35.17 -8.01
C GLY A 318 -7.96 -35.50 -8.15
N LEU A 319 -7.09 -34.57 -7.74
CA LEU A 319 -5.66 -34.79 -7.84
C LEU A 319 -5.21 -35.91 -6.89
N ASP A 320 -5.88 -36.06 -5.76
CA ASP A 320 -5.80 -37.28 -4.95
C ASP A 320 -5.76 -38.52 -5.82
N ARG A 321 -6.81 -38.74 -6.62
CA ARG A 321 -6.90 -39.90 -7.51
C ARG A 321 -6.09 -39.75 -8.80
N LEU A 322 -4.89 -39.18 -8.75
CA LEU A 322 -4.07 -39.12 -9.95
C LEU A 322 -2.58 -39.21 -9.65
N GLY A 323 -2.18 -39.51 -8.42
CA GLY A 323 -0.78 -39.52 -8.09
C GLY A 323 -0.19 -38.14 -7.84
N PHE A 324 -1.03 -37.16 -7.57
CA PHE A 324 -0.57 -35.85 -7.16
C PHE A 324 -0.47 -35.85 -5.64
N ASP A 325 0.55 -35.18 -5.12
CA ASP A 325 0.71 -35.14 -3.67
C ASP A 325 -0.22 -34.05 -3.12
N VAL A 326 -1.36 -34.48 -2.58
CA VAL A 326 -2.21 -33.64 -1.73
C VAL A 326 -1.48 -33.47 -0.40
N LYS A 327 -0.57 -32.48 -0.34
CA LYS A 327 0.45 -32.49 0.71
C LYS A 327 -0.16 -32.22 2.08
N ALA A 328 -0.94 -31.15 2.24
CA ALA A 328 -1.50 -30.81 3.55
C ALA A 328 -2.71 -29.93 3.39
N GLY A 329 -3.85 -30.36 3.94
CA GLY A 329 -4.97 -29.46 4.19
C GLY A 329 -6.29 -29.71 3.51
N ASP A 330 -7.36 -29.20 4.13
CA ASP A 330 -8.67 -28.98 3.51
C ASP A 330 -8.68 -27.72 2.67
N HIS A 331 -7.59 -26.97 2.69
CA HIS A 331 -7.60 -25.57 2.32
C HIS A 331 -7.68 -25.37 0.80
N PRO A 332 -8.26 -24.25 0.37
CA PRO A 332 -8.30 -23.95 -1.09
C PRO A 332 -6.95 -23.71 -1.74
N ILE A 333 -5.87 -23.60 -0.96
CA ILE A 333 -4.53 -23.46 -1.52
C ILE A 333 -4.00 -24.88 -1.72
N ILE A 334 -3.94 -25.32 -2.96
CA ILE A 334 -3.42 -26.65 -3.27
C ILE A 334 -2.02 -26.50 -3.82
N PRO A 335 -0.99 -26.72 -3.01
CA PRO A 335 0.40 -26.65 -3.52
C PRO A 335 0.77 -27.94 -4.24
N ILE A 336 1.06 -27.84 -5.53
CA ILE A 336 1.51 -28.98 -6.32
C ILE A 336 3.03 -28.82 -6.46
N MET A 337 3.75 -29.44 -5.51
CA MET A 337 5.20 -29.32 -5.46
C MET A 337 5.85 -29.92 -6.69
N VAL A 338 6.73 -29.16 -7.33
CA VAL A 338 7.57 -29.70 -8.39
C VAL A 338 9.04 -29.39 -8.20
N TYR A 339 9.41 -28.64 -7.16
CA TYR A 339 10.79 -28.46 -6.72
C TYR A 339 11.65 -27.69 -7.71
N ASP A 340 11.82 -28.21 -8.94
CA ASP A 340 12.60 -27.54 -9.98
C ASP A 340 11.80 -26.37 -10.55
N ALA A 341 12.46 -25.21 -10.65
CA ALA A 341 11.81 -24.02 -11.17
C ALA A 341 11.40 -24.23 -12.62
N ASP A 342 12.34 -24.69 -13.46
CA ASP A 342 12.07 -24.86 -14.89
C ASP A 342 10.87 -25.78 -15.15
N LYS A 343 10.68 -26.81 -14.33
CA LYS A 343 9.51 -27.67 -14.50
C LYS A 343 8.23 -26.89 -14.24
N ALA A 344 8.22 -26.05 -13.20
CA ALA A 344 7.03 -25.28 -12.86
C ALA A 344 6.72 -24.25 -13.95
N GLN A 345 7.75 -23.65 -14.55
CA GLN A 345 7.51 -22.83 -15.73
C GLN A 345 6.90 -23.68 -16.84
N GLN A 346 7.37 -24.93 -16.99
CA GLN A 346 6.82 -25.83 -17.99
C GLN A 346 5.38 -26.21 -17.66
N LEU A 347 5.17 -26.81 -16.48
CA LEU A 347 3.85 -27.27 -16.06
C LEU A 347 2.81 -26.15 -16.08
N ALA A 348 3.20 -24.93 -15.69
CA ALA A 348 2.27 -23.80 -15.80
C ALA A 348 1.99 -23.47 -17.25
N GLN A 349 3.00 -23.47 -18.10
CA GLN A 349 2.78 -23.09 -19.49
C GLN A 349 2.04 -24.19 -20.24
N ARG A 350 2.37 -25.44 -19.95
CA ARG A 350 1.71 -26.53 -20.65
C ARG A 350 0.21 -26.51 -20.36
N LEU A 351 -0.15 -26.27 -19.09
CA LEU A 351 -1.56 -26.19 -18.72
C LEU A 351 -2.25 -25.02 -19.40
N LEU A 352 -1.49 -23.98 -19.76
CA LEU A 352 -2.06 -22.86 -20.50
C LEU A 352 -2.45 -23.26 -21.93
N GLU A 353 -1.75 -24.23 -22.50
CA GLU A 353 -2.14 -24.78 -23.79
C GLU A 353 -3.36 -25.68 -23.66
N LEU A 354 -3.46 -26.41 -22.55
CA LEU A 354 -4.63 -27.22 -22.24
C LEU A 354 -5.82 -26.38 -21.75
N GLY A 355 -5.68 -25.06 -21.73
CA GLY A 355 -6.77 -24.19 -21.31
C GLY A 355 -6.88 -23.91 -19.84
N VAL A 356 -5.77 -23.99 -19.09
CA VAL A 356 -5.78 -23.70 -17.66
C VAL A 356 -4.75 -22.61 -17.36
N TYR A 357 -5.21 -21.53 -16.74
CA TYR A 357 -4.36 -20.43 -16.28
C TYR A 357 -3.91 -20.72 -14.85
N VAL A 358 -2.61 -20.90 -14.69
CA VAL A 358 -1.99 -21.25 -13.42
C VAL A 358 -0.52 -20.89 -13.60
N VAL A 359 0.15 -20.52 -12.50
CA VAL A 359 1.42 -19.82 -12.59
C VAL A 359 2.48 -20.51 -11.74
N GLY A 360 3.72 -20.46 -12.22
CA GLY A 360 4.83 -21.08 -11.52
C GLY A 360 5.33 -20.22 -10.39
N PHE A 361 5.50 -20.84 -9.23
CA PHE A 361 6.15 -20.21 -8.09
C PHE A 361 7.57 -20.76 -7.96
N PHE A 362 8.54 -19.85 -7.91
CA PHE A 362 9.93 -20.22 -7.72
C PHE A 362 10.61 -19.05 -7.01
N TYR A 363 11.89 -19.22 -6.70
CA TYR A 363 12.61 -18.24 -5.90
C TYR A 363 12.52 -16.85 -6.55
N PRO A 364 12.38 -15.76 -5.76
CA PRO A 364 12.34 -15.74 -4.29
C PRO A 364 10.95 -15.85 -3.64
N VAL A 365 9.91 -16.14 -4.43
CA VAL A 365 8.56 -16.31 -3.87
C VAL A 365 8.52 -17.55 -2.99
N VAL A 366 9.20 -18.62 -3.40
CA VAL A 366 9.33 -19.85 -2.62
C VAL A 366 10.81 -20.22 -2.60
N PRO A 367 11.23 -21.03 -1.62
CA PRO A 367 12.67 -21.31 -1.49
C PRO A 367 13.21 -22.02 -2.72
N LYS A 368 14.48 -21.73 -3.02
CA LYS A 368 15.17 -22.46 -4.08
C LYS A 368 15.14 -23.95 -3.76
N GLY A 369 14.86 -24.76 -4.78
CA GLY A 369 14.70 -26.16 -4.58
C GLY A 369 13.30 -26.58 -4.20
N GLN A 370 12.40 -25.63 -3.97
CA GLN A 370 11.04 -25.94 -3.55
C GLN A 370 10.01 -25.20 -4.41
N ALA A 371 10.29 -25.04 -5.70
CA ALA A 371 9.34 -24.43 -6.61
C ALA A 371 8.02 -25.21 -6.62
N ARG A 372 6.98 -24.59 -7.19
CA ARG A 372 5.66 -25.19 -7.14
C ARG A 372 4.69 -24.41 -8.02
N ILE A 373 3.52 -25.00 -8.16
CA ILE A 373 2.33 -24.37 -8.72
C ILE A 373 1.34 -24.25 -7.58
N ARG A 374 0.82 -23.05 -7.35
CA ARG A 374 -0.24 -22.87 -6.36
C ARG A 374 -1.58 -22.86 -7.08
N VAL A 375 -2.30 -23.97 -6.95
CA VAL A 375 -3.68 -24.03 -7.37
C VAL A 375 -4.53 -23.38 -6.28
N GLN A 376 -5.40 -22.46 -6.68
CA GLN A 376 -6.30 -21.81 -5.74
C GLN A 376 -7.73 -21.97 -6.23
N MET A 377 -8.59 -22.44 -5.33
CA MET A 377 -9.96 -22.77 -5.65
C MET A 377 -10.88 -21.61 -5.33
N SER A 378 -11.90 -21.41 -6.17
CA SER A 378 -12.89 -20.39 -5.92
C SER A 378 -14.28 -21.03 -5.80
N ALA A 379 -15.16 -20.30 -5.11
CA ALA A 379 -16.57 -20.64 -5.09
C ALA A 379 -17.16 -20.73 -6.49
N LEU A 380 -16.57 -20.01 -7.45
CA LEU A 380 -17.22 -19.79 -8.73
C LEU A 380 -17.15 -20.98 -9.67
N HIS A 381 -16.11 -21.81 -9.53
CA HIS A 381 -15.85 -22.88 -10.47
C HIS A 381 -17.04 -23.83 -10.57
N ASP A 382 -17.60 -23.94 -11.78
CA ASP A 382 -18.64 -24.91 -12.08
C ASP A 382 -18.02 -26.26 -12.40
N GLU A 383 -18.84 -27.31 -12.26
CA GLU A 383 -18.35 -28.68 -12.42
C GLU A 383 -17.69 -28.90 -13.78
N ALA A 384 -18.24 -28.28 -14.82
CA ALA A 384 -17.61 -28.32 -16.14
C ALA A 384 -16.15 -27.93 -16.05
N ALA A 385 -15.89 -26.71 -15.55
CA ALA A 385 -14.52 -26.21 -15.48
C ALA A 385 -13.65 -27.08 -14.58
N LEU A 386 -14.22 -27.55 -13.46
CA LEU A 386 -13.48 -28.31 -12.45
C LEU A 386 -12.89 -29.60 -13.03
N GLN A 387 -13.74 -30.56 -13.40
CA GLN A 387 -13.22 -31.78 -13.99
C GLN A 387 -12.58 -31.55 -15.35
N ALA A 388 -12.87 -30.43 -16.02
CA ALA A 388 -12.09 -30.11 -17.21
C ALA A 388 -10.65 -29.75 -16.85
N ALA A 389 -10.44 -29.04 -15.73
CA ALA A 389 -9.08 -28.77 -15.27
C ALA A 389 -8.44 -30.01 -14.69
N LEU A 390 -9.23 -30.90 -14.07
CA LEU A 390 -8.70 -32.17 -13.59
C LEU A 390 -8.10 -32.97 -14.74
N ASP A 391 -8.72 -32.91 -15.92
CA ASP A 391 -8.17 -33.60 -17.09
C ASP A 391 -6.87 -32.95 -17.54
N ALA A 392 -6.88 -31.62 -17.69
CA ALA A 392 -5.69 -30.90 -18.12
C ALA A 392 -4.54 -31.11 -17.14
N PHE A 393 -4.86 -31.34 -15.86
CA PHE A 393 -3.82 -31.69 -14.89
C PHE A 393 -3.34 -33.12 -15.11
N GLY A 394 -4.28 -34.06 -15.30
CA GLY A 394 -3.90 -35.43 -15.56
C GLY A 394 -3.02 -35.57 -16.80
N GLN A 395 -3.44 -34.97 -17.91
CA GLN A 395 -2.65 -35.02 -19.14
C GLN A 395 -1.24 -34.49 -18.90
N ALA A 396 -1.13 -33.22 -18.53
CA ALA A 396 0.19 -32.61 -18.36
C ALA A 396 0.97 -33.24 -17.22
N GLY A 397 0.27 -33.75 -16.19
CA GLY A 397 0.96 -34.40 -15.09
C GLY A 397 1.73 -35.63 -15.56
N ARG A 398 1.08 -36.48 -16.37
CA ARG A 398 1.79 -37.59 -16.99
C ARG A 398 2.71 -37.10 -18.10
N GLU A 399 2.23 -36.20 -18.96
CA GLU A 399 3.03 -35.72 -20.09
C GLU A 399 4.38 -35.15 -19.68
N LEU A 400 4.54 -34.73 -18.41
CA LEU A 400 5.79 -34.09 -17.98
C LEU A 400 6.40 -34.82 -16.78
N GLY A 401 6.09 -36.10 -16.60
CA GLY A 401 6.84 -36.94 -15.71
C GLY A 401 6.48 -36.87 -14.25
N LEU A 402 5.53 -36.00 -13.87
CA LEU A 402 5.11 -35.91 -12.47
C LEU A 402 4.01 -36.90 -12.10
N ILE A 403 3.41 -37.57 -13.08
CA ILE A 403 2.36 -38.54 -12.80
C ILE A 403 2.66 -39.87 -13.48
N MET B 5 -1.08 -9.89 37.89
CA MET B 5 -1.27 -9.00 36.75
C MET B 5 -0.55 -9.59 35.53
N SER B 6 -1.31 -9.89 34.47
CA SER B 6 -0.79 -10.64 33.32
C SER B 6 0.14 -9.79 32.47
N ASN B 7 1.03 -10.46 31.74
CA ASN B 7 1.97 -9.75 30.88
C ASN B 7 1.24 -9.07 29.72
N ALA B 8 0.28 -9.78 29.12
CA ALA B 8 -0.50 -9.22 28.02
C ALA B 8 -1.29 -8.00 28.45
N GLU B 9 -1.79 -8.00 29.70
CA GLU B 9 -2.63 -6.90 30.17
C GLU B 9 -1.80 -5.71 30.64
N ALA B 10 -0.58 -5.95 31.12
CA ALA B 10 0.34 -4.84 31.34
C ALA B 10 0.69 -4.14 30.03
N PHE B 11 0.91 -4.91 28.97
CA PHE B 11 1.08 -4.34 27.65
C PHE B 11 -0.08 -3.42 27.29
N TYR B 12 -1.32 -3.91 27.39
CA TYR B 12 -2.47 -3.05 27.07
C TYR B 12 -2.48 -1.81 27.95
N ALA B 13 -2.11 -1.96 29.22
CA ALA B 13 -1.98 -0.79 30.09
C ALA B 13 -0.90 0.16 29.58
N SER B 14 0.30 -0.37 29.28
CA SER B 14 1.32 0.44 28.61
C SER B 14 0.73 1.25 27.47
N ILE B 15 -0.06 0.59 26.61
CA ILE B 15 -0.65 1.27 25.45
C ILE B 15 -1.62 2.36 25.91
N ARG B 16 -2.44 2.07 26.93
CA ARG B 16 -3.39 3.07 27.43
C ARG B 16 -2.65 4.25 28.05
N THR B 17 -1.61 3.97 28.83
CA THR B 17 -0.75 5.02 29.36
C THR B 17 -0.14 5.88 28.24
N GLU B 18 0.23 5.26 27.12
CA GLU B 18 0.82 6.03 26.03
C GLU B 18 -0.22 6.97 25.41
N LEU B 19 -1.42 6.46 25.12
CA LEU B 19 -2.49 7.29 24.59
C LEU B 19 -2.72 8.52 25.45
N GLU B 20 -2.83 8.32 26.76
CA GLU B 20 -3.08 9.44 27.65
C GLU B 20 -2.05 10.55 27.44
N SER B 21 -0.76 10.21 27.47
CA SER B 21 0.26 11.24 27.37
C SER B 21 0.31 11.87 25.98
N ILE B 22 -0.18 11.17 24.96
CA ILE B 22 -0.34 11.82 23.66
C ILE B 22 -1.43 12.88 23.74
N ARG B 23 -2.53 12.57 24.43
CA ARG B 23 -3.58 13.57 24.66
C ARG B 23 -3.06 14.71 25.51
N ALA B 24 -2.40 14.37 26.62
CA ALA B 24 -1.84 15.40 27.48
C ALA B 24 -0.94 16.36 26.70
N ALA B 25 -0.12 15.85 25.81
CA ALA B 25 0.79 16.74 25.10
C ALA B 25 0.12 17.50 23.96
N GLY B 26 -1.19 17.37 23.79
CA GLY B 26 -1.88 18.01 22.68
C GLY B 26 -1.49 17.43 21.33
N LEU B 27 -1.32 16.10 21.26
CA LEU B 27 -0.82 15.45 20.07
C LEU B 27 -1.77 14.38 19.55
N PHE B 28 -2.93 14.21 20.18
CA PHE B 28 -3.93 13.23 19.76
C PHE B 28 -4.68 13.76 18.55
N LYS B 29 -4.68 13.00 17.45
CA LYS B 29 -5.36 13.39 16.23
C LYS B 29 -6.79 12.88 16.26
N ASN B 30 -7.73 13.74 15.88
CA ASN B 30 -9.15 13.40 15.86
C ASN B 30 -9.66 13.46 14.44
N GLU B 31 -10.29 12.37 13.98
CA GLU B 31 -10.77 12.27 12.60
C GLU B 31 -12.10 13.01 12.42
N ARG B 32 -12.17 13.85 11.39
CA ARG B 32 -13.44 14.42 10.94
C ARG B 32 -14.05 13.47 9.92
N VAL B 33 -15.36 13.23 10.06
CA VAL B 33 -16.08 12.31 9.21
C VAL B 33 -16.78 13.13 8.13
N ILE B 34 -16.25 13.07 6.92
CA ILE B 34 -16.83 13.79 5.78
C ILE B 34 -17.91 12.92 5.14
N ALA B 35 -19.07 13.52 4.87
CA ALA B 35 -20.22 12.79 4.36
C ALA B 35 -20.40 12.94 2.86
N THR B 36 -19.51 13.64 2.17
CA THR B 36 -19.64 13.98 0.77
C THR B 36 -18.42 13.50 -0.01
N PRO B 37 -18.45 13.59 -1.34
CA PRO B 37 -17.23 13.34 -2.11
C PRO B 37 -16.19 14.40 -1.79
N GLN B 38 -14.96 14.10 -2.17
CA GLN B 38 -13.89 15.09 -2.08
C GLN B 38 -14.17 16.23 -3.07
N GLY B 39 -13.86 17.44 -2.66
CA GLY B 39 -14.02 18.57 -3.56
C GLY B 39 -13.67 19.87 -2.88
N ALA B 40 -13.94 20.96 -3.60
CA ALA B 40 -13.59 22.30 -3.13
C ALA B 40 -14.35 22.66 -1.88
N ARG B 41 -15.58 22.19 -1.77
CA ARG B 41 -16.34 22.29 -0.55
C ARG B 41 -16.82 20.90 -0.15
N VAL B 42 -17.10 20.75 1.13
CA VAL B 42 -17.17 19.45 1.76
C VAL B 42 -18.11 19.58 2.95
N ARG B 43 -18.72 18.47 3.35
CA ARG B 43 -19.70 18.50 4.44
C ARG B 43 -19.45 17.33 5.37
N THR B 44 -19.14 17.61 6.62
CA THR B 44 -19.05 16.56 7.60
C THR B 44 -20.44 15.99 7.90
N THR B 45 -20.47 14.86 8.60
CA THR B 45 -21.75 14.25 8.98
C THR B 45 -22.59 15.16 9.85
N ASP B 46 -21.96 16.06 10.63
CA ASP B 46 -22.71 16.96 11.50
C ASP B 46 -23.60 17.94 10.73
N GLY B 47 -23.31 18.19 9.46
CA GLY B 47 -24.13 19.06 8.63
C GLY B 47 -23.42 20.30 8.12
N ARG B 48 -22.32 20.72 8.76
CA ARG B 48 -21.68 21.97 8.36
C ARG B 48 -20.90 21.79 7.05
N GLU B 49 -21.10 22.72 6.11
CA GLU B 49 -20.38 22.69 4.84
C GLU B 49 -19.28 23.75 4.82
N VAL B 50 -18.06 23.33 4.50
CA VAL B 50 -16.87 24.14 4.71
C VAL B 50 -15.96 24.10 3.50
N ILE B 51 -15.07 25.09 3.41
CA ILE B 51 -14.10 25.18 2.31
C ILE B 51 -12.91 24.27 2.63
N ASN B 52 -12.53 23.46 1.66
CA ASN B 52 -11.48 22.46 1.89
C ASN B 52 -10.18 22.96 1.32
N LEU B 53 -9.25 23.32 2.20
CA LEU B 53 -7.92 23.79 1.85
C LEU B 53 -6.84 22.92 2.48
N CYS B 54 -7.03 21.59 2.44
CA CYS B 54 -6.00 20.70 2.96
C CYS B 54 -6.00 19.33 2.28
N ALA B 55 -6.51 19.21 1.06
CA ALA B 55 -6.53 17.94 0.35
C ALA B 55 -5.37 17.88 -0.64
N ASN B 56 -5.09 16.67 -1.10
CA ASN B 56 -4.09 16.49 -2.16
C ASN B 56 -4.74 16.60 -3.54
N ASN B 57 -5.98 17.10 -3.60
CA ASN B 57 -6.76 17.24 -4.82
C ASN B 57 -6.27 18.42 -5.64
N TYR B 58 -4.97 18.48 -5.92
CA TYR B 58 -4.36 19.67 -6.48
C TYR B 58 -5.02 20.09 -7.79
N LEU B 59 -5.36 19.13 -8.63
CA LEU B 59 -5.98 19.44 -9.92
C LEU B 59 -7.49 19.30 -9.88
N GLY B 60 -8.04 18.86 -8.76
CA GLY B 60 -9.47 18.73 -8.59
C GLY B 60 -10.08 17.52 -9.26
N LEU B 61 -9.27 16.50 -9.56
CA LEU B 61 -9.73 15.31 -10.26
C LEU B 61 -10.29 14.23 -9.34
N SER B 62 -10.20 14.38 -8.02
CA SER B 62 -10.71 13.36 -7.11
C SER B 62 -12.18 13.07 -7.34
N SER B 63 -12.97 14.07 -7.71
CA SER B 63 -14.39 13.93 -7.99
C SER B 63 -14.76 14.62 -9.30
N HIS B 64 -13.81 14.70 -10.22
CA HIS B 64 -14.06 15.24 -11.54
C HIS B 64 -14.99 14.30 -12.32
N PRO B 65 -16.09 14.81 -12.88
CA PRO B 65 -17.09 13.91 -13.51
C PRO B 65 -16.55 12.92 -14.54
N GLN B 66 -15.56 13.30 -15.36
CA GLN B 66 -15.03 12.39 -16.37
C GLN B 66 -14.06 11.37 -15.79
N VAL B 67 -13.47 11.67 -14.63
CA VAL B 67 -12.73 10.66 -13.89
C VAL B 67 -13.71 9.68 -13.25
N ILE B 68 -14.81 10.18 -12.70
CA ILE B 68 -15.78 9.28 -12.06
C ILE B 68 -16.38 8.34 -13.08
N GLU B 69 -16.67 8.83 -14.28
CA GLU B 69 -17.30 7.95 -15.26
C GLU B 69 -16.31 6.98 -15.87
N ALA B 70 -15.03 7.37 -16.00
CA ALA B 70 -14.01 6.43 -16.48
C ALA B 70 -13.88 5.25 -15.52
N ALA B 71 -13.85 5.54 -14.22
CA ALA B 71 -13.89 4.48 -13.22
C ALA B 71 -15.14 3.62 -13.38
N HIS B 72 -16.28 4.25 -13.67
CA HIS B 72 -17.51 3.50 -13.94
C HIS B 72 -17.30 2.50 -15.07
N GLU B 73 -16.81 2.98 -16.22
CA GLU B 73 -16.63 2.07 -17.34
C GLU B 73 -15.63 0.97 -17.02
N ALA B 74 -14.54 1.30 -16.32
CA ALA B 74 -13.59 0.26 -15.89
C ALA B 74 -14.29 -0.83 -15.10
N LEU B 75 -15.25 -0.44 -14.25
CA LEU B 75 -16.00 -1.44 -13.49
C LEU B 75 -16.82 -2.32 -14.43
N ARG B 76 -17.47 -1.71 -15.43
CA ARG B 76 -18.19 -2.50 -16.42
C ARG B 76 -17.22 -3.40 -17.19
N THR B 77 -16.21 -2.80 -17.82
CA THR B 77 -15.38 -3.57 -18.75
C THR B 77 -14.41 -4.50 -18.00
N HIS B 78 -13.69 -3.99 -16.98
CA HIS B 78 -12.58 -4.76 -16.39
C HIS B 78 -12.78 -5.12 -14.91
N GLY B 79 -14.01 -5.00 -14.38
CA GLY B 79 -14.32 -5.57 -13.09
C GLY B 79 -13.92 -4.72 -11.88
N PHE B 80 -14.12 -5.29 -10.70
CA PHE B 80 -13.92 -4.57 -9.44
C PHE B 80 -12.55 -4.86 -8.82
N GLY B 81 -12.29 -6.12 -8.52
CA GLY B 81 -11.00 -6.53 -7.98
C GLY B 81 -10.38 -7.62 -8.85
N LEU B 82 -9.05 -7.65 -8.83
CA LEU B 82 -8.28 -8.70 -9.49
C LEU B 82 -7.79 -9.76 -8.53
N SER B 83 -7.80 -9.45 -7.23
CA SER B 83 -7.46 -10.39 -6.17
C SER B 83 -6.22 -11.19 -6.52
N SER B 84 -5.21 -10.52 -7.07
CA SER B 84 -3.95 -11.16 -7.39
C SER B 84 -2.86 -10.12 -7.43
N VAL B 85 -1.62 -10.56 -7.20
CA VAL B 85 -0.45 -9.74 -7.48
C VAL B 85 -0.21 -9.77 -9.00
N ARG B 86 0.69 -8.94 -9.50
CA ARG B 86 0.78 -8.77 -10.95
C ARG B 86 1.27 -10.03 -11.67
N PHE B 87 2.28 -10.72 -11.14
CA PHE B 87 2.85 -11.81 -11.93
C PHE B 87 1.97 -13.05 -11.94
N ILE B 88 0.92 -13.10 -11.14
CA ILE B 88 0.10 -14.31 -11.08
C ILE B 88 -1.03 -14.17 -12.09
N CYS B 89 -2.13 -13.54 -11.69
CA CYS B 89 -3.18 -13.19 -12.65
C CYS B 89 -3.77 -11.82 -12.33
N GLY B 90 -2.92 -10.92 -11.88
CA GLY B 90 -3.32 -9.57 -11.61
C GLY B 90 -2.92 -8.56 -12.66
N THR B 91 -2.41 -8.98 -13.82
CA THR B 91 -2.05 -8.03 -14.88
C THR B 91 -3.13 -8.01 -15.95
N GLN B 92 -3.77 -6.86 -16.12
CA GLN B 92 -4.70 -6.60 -17.20
C GLN B 92 -4.06 -5.64 -18.20
N ASP B 93 -4.74 -5.46 -19.34
CA ASP B 93 -4.18 -4.57 -20.36
C ASP B 93 -4.07 -3.14 -19.84
N LEU B 94 -4.97 -2.74 -18.96
CA LEU B 94 -4.96 -1.38 -18.42
C LEU B 94 -3.65 -1.06 -17.71
N HIS B 95 -3.16 -1.98 -16.88
CA HIS B 95 -1.88 -1.77 -16.21
C HIS B 95 -0.77 -1.54 -17.23
N LYS B 96 -0.67 -2.39 -18.26
CA LYS B 96 0.35 -2.19 -19.27
C LYS B 96 0.13 -0.87 -20.01
N THR B 97 -1.12 -0.54 -20.30
CA THR B 97 -1.43 0.74 -20.94
C THR B 97 -0.98 1.92 -20.09
N LEU B 98 -1.27 1.89 -18.78
CA LEU B 98 -1.00 3.06 -17.94
C LEU B 98 0.50 3.20 -17.62
N GLU B 99 1.19 2.07 -17.41
CA GLU B 99 2.64 2.12 -17.26
C GLU B 99 3.29 2.76 -18.47
N ALA B 100 2.77 2.46 -19.66
CA ALA B 100 3.24 3.12 -20.86
C ALA B 100 2.96 4.63 -20.83
N ARG B 101 1.70 5.02 -20.59
CA ARG B 101 1.35 6.44 -20.69
C ARG B 101 2.12 7.30 -19.68
N LEU B 102 2.33 6.77 -18.47
CA LEU B 102 3.13 7.47 -17.45
C LEU B 102 4.58 7.63 -17.90
N SER B 103 5.18 6.55 -18.43
CA SER B 103 6.56 6.66 -18.93
C SER B 103 6.65 7.77 -19.95
N ALA B 104 5.72 7.78 -20.90
CA ALA B 104 5.61 8.90 -21.81
C ALA B 104 5.41 10.19 -21.04
N PHE B 105 4.41 10.23 -20.15
CA PHE B 105 4.12 11.48 -19.45
C PHE B 105 5.31 11.96 -18.63
N LEU B 106 6.09 11.03 -18.05
CA LEU B 106 7.13 11.45 -17.11
C LEU B 106 8.50 11.64 -17.75
N GLY B 107 8.73 11.04 -18.91
CA GLY B 107 10.00 11.17 -19.60
C GLY B 107 10.93 9.99 -19.48
N THR B 108 10.41 8.82 -19.16
CA THR B 108 11.21 7.65 -18.83
C THR B 108 10.86 6.52 -19.79
N GLU B 109 11.65 5.45 -19.76
CA GLU B 109 11.40 4.39 -20.72
C GLU B 109 10.43 3.33 -20.23
N ASP B 110 10.29 3.11 -18.92
CA ASP B 110 9.23 2.24 -18.44
C ASP B 110 8.75 2.74 -17.08
N THR B 111 7.76 2.03 -16.54
CA THR B 111 7.11 2.39 -15.28
C THR B 111 6.58 1.11 -14.65
N ILE B 112 6.65 1.02 -13.33
CA ILE B 112 6.14 -0.14 -12.64
C ILE B 112 5.14 0.35 -11.58
N LEU B 113 3.92 -0.17 -11.65
CA LEU B 113 2.84 0.25 -10.75
C LEU B 113 2.96 -0.43 -9.38
N TYR B 114 2.58 0.30 -8.33
CA TYR B 114 2.45 -0.24 -6.99
C TYR B 114 1.09 0.14 -6.42
N GLY B 115 0.79 -0.40 -5.24
CA GLY B 115 -0.40 -0.01 -4.50
C GLY B 115 -0.38 1.40 -3.94
N SER B 116 0.79 2.06 -3.88
CA SER B 116 0.92 3.42 -3.38
C SER B 116 2.32 3.98 -3.69
N ALA B 117 2.50 5.27 -3.40
CA ALA B 117 3.85 5.81 -3.34
C ALA B 117 4.60 5.26 -2.13
N PHE B 118 3.90 5.12 -1.00
CA PHE B 118 4.53 4.55 0.19
C PHE B 118 5.19 3.23 -0.13
N ASP B 119 4.48 2.36 -0.85
CA ASP B 119 5.05 1.07 -1.22
C ASP B 119 6.00 1.13 -2.41
N ALA B 120 5.90 2.15 -3.26
CA ALA B 120 6.91 2.33 -4.29
C ALA B 120 8.25 2.66 -3.66
N ASN B 121 8.25 3.54 -2.67
CA ASN B 121 9.47 3.85 -1.95
C ASN B 121 9.94 2.65 -1.12
N GLY B 122 8.99 1.98 -0.45
CA GLY B 122 9.34 0.84 0.37
C GLY B 122 10.10 -0.23 -0.39
N GLY B 123 9.72 -0.45 -1.64
CA GLY B 123 10.36 -1.47 -2.45
C GLY B 123 11.45 -1.02 -3.38
N LEU B 124 11.85 0.26 -3.33
CA LEU B 124 12.85 0.75 -4.28
C LEU B 124 14.26 0.36 -3.86
N PHE B 125 14.74 0.90 -2.75
CA PHE B 125 16.18 0.86 -2.48
C PHE B 125 16.66 -0.56 -2.22
N GLU B 126 15.88 -1.34 -1.48
CA GLU B 126 16.28 -2.70 -1.16
C GLU B 126 16.52 -3.52 -2.41
N THR B 127 15.74 -3.28 -3.46
CA THR B 127 15.84 -4.09 -4.67
C THR B 127 17.01 -3.67 -5.54
N LEU B 128 17.40 -2.41 -5.50
CA LEU B 128 18.40 -1.86 -6.41
C LEU B 128 19.79 -1.71 -5.79
N LEU B 129 19.91 -1.64 -4.46
CA LEU B 129 21.16 -1.27 -3.81
C LEU B 129 21.55 -2.28 -2.74
N GLY B 130 22.86 -2.32 -2.46
CA GLY B 130 23.43 -3.25 -1.52
C GLY B 130 24.35 -2.56 -0.54
N ALA B 131 24.87 -3.36 0.40
CA ALA B 131 25.68 -2.81 1.48
C ALA B 131 26.86 -2.00 0.95
N GLU B 132 27.42 -2.41 -0.17
CA GLU B 132 28.50 -1.69 -0.81
C GLU B 132 28.08 -0.33 -1.37
N ASP B 133 26.79 -0.02 -1.44
CA ASP B 133 26.28 1.18 -2.08
C ASP B 133 25.81 2.19 -1.05
N ALA B 134 25.48 3.37 -1.54
CA ALA B 134 25.13 4.49 -0.69
C ALA B 134 23.82 5.11 -1.15
N VAL B 135 23.12 5.72 -0.20
CA VAL B 135 21.95 6.55 -0.47
C VAL B 135 22.16 7.87 0.26
N ILE B 136 22.05 8.98 -0.47
CA ILE B 136 22.16 10.31 0.11
C ILE B 136 20.79 10.96 0.04
N SER B 137 20.29 11.38 1.19
CA SER B 137 18.92 11.80 1.37
C SER B 137 18.91 13.23 1.89
N ASP B 138 18.00 14.04 1.36
CA ASP B 138 17.68 15.31 1.99
C ASP B 138 17.14 15.04 3.38
N ALA B 139 17.54 15.88 4.35
CA ALA B 139 17.22 15.63 5.75
C ALA B 139 15.72 15.47 5.98
N LEU B 140 14.89 16.21 5.27
CA LEU B 140 13.44 16.21 5.45
C LEU B 140 12.72 15.25 4.49
N ASN B 141 13.43 14.27 3.92
CA ASN B 141 12.80 13.33 2.98
C ASN B 141 11.58 12.70 3.65
N HIS B 142 10.63 12.21 2.85
CA HIS B 142 9.37 11.65 3.35
C HIS B 142 9.60 10.33 4.10
N ALA B 143 8.75 10.08 5.09
CA ALA B 143 8.87 8.87 5.91
C ALA B 143 8.94 7.61 5.04
N SER B 144 8.15 7.56 3.96
CA SER B 144 8.19 6.37 3.10
C SER B 144 9.55 6.16 2.48
N ILE B 145 10.32 7.24 2.25
CA ILE B 145 11.67 7.09 1.69
C ILE B 145 12.63 6.56 2.72
N ILE B 146 12.56 7.14 3.92
CA ILE B 146 13.37 6.71 5.05
C ILE B 146 13.17 5.23 5.33
N ASP B 147 11.92 4.75 5.14
CA ASP B 147 11.62 3.36 5.43
C ASP B 147 12.09 2.45 4.30
N GLY B 148 11.96 2.91 3.04
CA GLY B 148 12.64 2.24 1.95
C GLY B 148 14.12 2.05 2.20
N VAL B 149 14.82 3.13 2.55
CA VAL B 149 16.25 3.06 2.79
C VAL B 149 16.57 2.13 3.97
N ARG B 150 15.85 2.28 5.09
CA ARG B 150 16.01 1.40 6.27
C ARG B 150 15.92 -0.08 5.92
N LEU B 151 15.10 -0.42 4.94
CA LEU B 151 14.94 -1.81 4.52
C LEU B 151 16.07 -2.31 3.63
N SER B 152 16.94 -1.43 3.15
CA SER B 152 18.05 -1.84 2.29
C SER B 152 19.34 -1.92 3.09
N LYS B 153 20.32 -2.56 2.47
CA LYS B 153 21.62 -2.71 3.12
C LYS B 153 22.56 -1.54 2.82
N ALA B 154 22.11 -0.53 2.09
CA ALA B 154 23.00 0.53 1.63
C ALA B 154 23.44 1.43 2.79
N ARG B 155 24.57 2.09 2.60
CA ARG B 155 25.04 3.09 3.55
C ARG B 155 24.20 4.35 3.42
N ARG B 156 23.98 5.03 4.53
CA ARG B 156 23.09 6.17 4.56
C ARG B 156 23.84 7.45 4.90
N TYR B 157 23.60 8.49 4.11
CA TYR B 157 24.01 9.85 4.42
C TYR B 157 22.81 10.77 4.24
N ARG B 158 22.74 11.81 5.08
CA ARG B 158 21.80 12.92 4.91
C ARG B 158 22.58 14.19 4.59
N TYR B 159 22.07 14.99 3.68
CA TYR B 159 22.55 16.35 3.54
C TYR B 159 21.51 17.30 4.11
N GLN B 160 21.96 18.46 4.58
CA GLN B 160 21.03 19.44 5.14
C GLN B 160 19.98 19.83 4.10
N HIS B 161 18.82 20.26 4.61
CA HIS B 161 17.66 20.52 3.78
C HIS B 161 17.94 21.46 2.60
N ASN B 162 17.91 20.90 1.38
CA ASN B 162 18.08 21.65 0.13
C ASN B 162 19.38 22.44 0.09
N ASP B 163 20.38 21.98 0.86
CA ASP B 163 21.70 22.62 0.96
C ASP B 163 22.63 21.94 -0.04
N MET B 164 22.83 22.58 -1.20
CA MET B 164 23.60 21.96 -2.28
C MET B 164 25.06 21.77 -1.93
N ASP B 165 25.60 22.61 -1.03
CA ASP B 165 26.97 22.40 -0.58
C ASP B 165 27.07 21.17 0.33
N ASP B 166 26.12 21.00 1.25
CA ASP B 166 26.16 19.80 2.08
C ASP B 166 25.99 18.55 1.23
N LEU B 167 25.25 18.65 0.13
CA LEU B 167 25.15 17.52 -0.78
C LEU B 167 26.53 17.15 -1.32
N ARG B 168 27.40 18.14 -1.53
CA ARG B 168 28.73 17.79 -2.02
C ARG B 168 29.57 17.14 -0.94
N VAL B 169 29.45 17.62 0.30
CA VAL B 169 30.20 17.02 1.41
C VAL B 169 29.84 15.54 1.58
N GLN B 170 28.54 15.21 1.56
CA GLN B 170 28.15 13.81 1.68
C GLN B 170 28.63 12.99 0.49
N LEU B 171 28.57 13.55 -0.72
CA LEU B 171 29.02 12.79 -1.88
C LEU B 171 30.52 12.58 -1.82
N GLU B 172 31.25 13.60 -1.35
CA GLU B 172 32.68 13.44 -1.08
C GLU B 172 32.93 12.31 -0.10
N GLN B 173 32.28 12.37 1.07
CA GLN B 173 32.50 11.37 2.11
C GLN B 173 32.12 9.97 1.65
N ALA B 174 31.01 9.84 0.92
CA ALA B 174 30.57 8.52 0.50
C ALA B 174 31.56 7.92 -0.47
N ARG B 175 32.08 8.75 -1.39
CA ARG B 175 33.23 8.36 -2.20
C ARG B 175 34.40 7.96 -1.32
N ALA B 176 34.72 8.80 -0.32
CA ALA B 176 35.81 8.52 0.61
C ALA B 176 35.57 7.24 1.38
N ASP B 177 34.35 7.04 1.88
CA ASP B 177 34.04 5.79 2.56
C ASP B 177 34.01 4.61 1.60
N GLY B 178 34.12 4.87 0.29
CA GLY B 178 34.31 3.84 -0.70
C GLY B 178 33.07 3.34 -1.39
N ALA B 179 32.06 4.18 -1.59
CA ALA B 179 30.79 3.72 -2.14
C ALA B 179 30.98 3.13 -3.53
N ARG B 180 30.33 2.00 -3.77
CA ARG B 180 30.23 1.48 -5.12
C ARG B 180 29.36 2.42 -5.95
N TYR B 181 28.05 2.19 -5.96
CA TYR B 181 27.14 3.14 -6.58
C TYR B 181 26.52 4.04 -5.51
N THR B 182 26.27 5.29 -5.89
CA THR B 182 25.57 6.24 -5.03
C THR B 182 24.28 6.64 -5.71
N LEU B 183 23.22 6.78 -4.91
CA LEU B 183 21.94 7.31 -5.37
C LEU B 183 21.57 8.47 -4.48
N VAL B 184 21.46 9.65 -5.07
CA VAL B 184 20.95 10.82 -4.37
C VAL B 184 19.43 10.81 -4.48
N PHE B 185 18.74 10.85 -3.34
CA PHE B 185 17.29 10.78 -3.36
C PHE B 185 16.68 11.90 -2.53
N SER B 186 15.55 12.42 -3.01
CA SER B 186 14.93 13.59 -2.42
C SER B 186 13.48 13.71 -2.86
N ASP B 187 12.65 14.23 -1.97
CA ASP B 187 11.35 14.74 -2.36
C ASP B 187 11.55 15.72 -3.51
N GLY B 188 10.71 15.62 -4.53
CA GLY B 188 10.71 16.64 -5.58
C GLY B 188 10.16 17.95 -5.05
N VAL B 189 8.91 17.91 -4.57
CA VAL B 189 8.34 18.93 -3.69
C VAL B 189 8.15 18.31 -2.31
N PHE B 190 8.58 19.02 -1.27
CA PHE B 190 8.61 18.46 0.08
C PHE B 190 7.25 18.61 0.77
N SER B 191 6.66 17.48 1.16
CA SER B 191 5.47 17.29 1.99
C SER B 191 5.12 18.43 2.95
N MET B 192 6.00 18.72 3.91
CA MET B 192 5.59 19.54 5.05
C MET B 192 5.95 21.02 4.91
N ASP B 193 6.66 21.42 3.86
CA ASP B 193 7.02 22.81 3.72
C ASP B 193 6.90 23.34 2.30
N GLY B 194 6.56 22.50 1.34
CA GLY B 194 6.27 22.99 0.00
C GLY B 194 7.47 23.38 -0.83
N THR B 195 8.65 23.58 -0.22
CA THR B 195 9.82 23.97 -0.99
C THR B 195 10.12 22.94 -2.08
N VAL B 196 10.78 23.40 -3.13
CA VAL B 196 11.03 22.64 -4.35
C VAL B 196 12.50 22.28 -4.38
N ALA B 197 12.79 20.99 -4.53
CA ALA B 197 14.17 20.54 -4.65
C ALA B 197 14.86 21.22 -5.84
N ARG B 198 16.15 21.44 -5.67
CA ARG B 198 16.96 22.08 -6.71
C ARG B 198 17.55 21.01 -7.63
N LEU B 199 16.65 20.37 -8.38
CA LEU B 199 17.06 19.28 -9.27
C LEU B 199 18.07 19.72 -10.32
N ASP B 200 18.15 21.02 -10.63
CA ASP B 200 19.14 21.45 -11.62
C ASP B 200 20.55 21.41 -11.03
N GLU B 201 20.74 21.95 -9.82
CA GLU B 201 22.05 21.83 -9.19
C GLU B 201 22.38 20.38 -8.87
N MET B 202 21.39 19.61 -8.42
CA MET B 202 21.66 18.25 -7.96
C MET B 202 22.09 17.36 -9.11
N ARG B 203 21.40 17.46 -10.25
CA ARG B 203 21.76 16.65 -11.42
C ARG B 203 23.17 16.97 -11.89
N ALA B 204 23.63 18.20 -11.65
CA ALA B 204 24.98 18.59 -11.99
C ALA B 204 25.96 18.04 -10.97
N ILE B 205 25.68 18.26 -9.67
CA ILE B 205 26.51 17.70 -8.62
C ILE B 205 26.53 16.17 -8.72
N CYS B 206 25.39 15.55 -9.03
CA CYS B 206 25.38 14.11 -9.23
C CYS B 206 26.22 13.69 -10.42
N ASP B 207 26.37 14.57 -11.39
CA ASP B 207 27.11 14.18 -12.59
C ASP B 207 28.61 14.23 -12.38
N GLU B 208 29.08 15.09 -11.48
CA GLU B 208 30.51 15.08 -11.15
C GLU B 208 30.93 13.71 -10.61
N TYR B 209 30.12 13.17 -9.70
CA TYR B 209 30.50 11.96 -8.96
C TYR B 209 29.96 10.69 -9.60
N GLY B 210 29.16 10.80 -10.65
CA GLY B 210 28.57 9.61 -11.24
C GLY B 210 27.45 9.00 -10.41
N ALA B 211 26.90 9.76 -9.47
CA ALA B 211 25.80 9.29 -8.64
C ALA B 211 24.51 9.21 -9.44
N LEU B 212 23.57 8.43 -8.94
CA LEU B 212 22.24 8.46 -9.50
C LEU B 212 21.41 9.50 -8.78
N LEU B 213 20.41 10.04 -9.49
CA LEU B 213 19.47 10.99 -8.91
C LEU B 213 18.07 10.37 -8.99
N GLY B 214 17.43 10.24 -7.82
CA GLY B 214 16.05 9.82 -7.75
C GLY B 214 15.25 10.86 -7.01
N ILE B 215 13.96 10.96 -7.35
CA ILE B 215 13.08 11.99 -6.81
C ILE B 215 11.71 11.39 -6.52
N ASP B 216 11.10 11.85 -5.43
CA ASP B 216 9.75 11.47 -5.05
C ASP B 216 8.80 12.58 -5.51
N GLU B 217 7.92 12.27 -6.44
CA GLU B 217 7.19 13.30 -7.17
C GLU B 217 5.73 13.44 -6.74
N CYS B 218 5.36 12.95 -5.56
CA CYS B 218 3.95 12.95 -5.14
C CYS B 218 3.34 14.34 -5.19
N HIS B 219 4.08 15.35 -4.72
CA HIS B 219 3.54 16.69 -4.61
C HIS B 219 3.88 17.54 -5.82
N ALA B 220 4.04 16.90 -6.98
CA ALA B 220 4.43 17.60 -8.18
C ALA B 220 3.76 17.05 -9.44
N THR B 221 3.57 15.73 -9.54
CA THR B 221 3.10 15.15 -10.79
C THR B 221 1.71 15.63 -11.14
N GLY B 222 1.58 16.28 -12.31
CA GLY B 222 0.31 16.76 -12.83
C GLY B 222 0.22 18.27 -12.94
N PHE B 223 0.95 18.99 -12.09
CA PHE B 223 0.79 20.43 -11.98
C PHE B 223 2.08 21.20 -11.80
N MET B 224 3.22 20.55 -11.55
CA MET B 224 4.51 21.22 -11.56
C MET B 224 5.12 21.15 -12.95
N GLY B 225 5.71 22.26 -13.37
CA GLY B 225 6.18 22.41 -14.73
C GLY B 225 5.20 23.23 -15.56
N GLN B 226 5.65 23.57 -16.78
CA GLN B 226 4.74 24.25 -17.69
C GLN B 226 3.62 23.31 -18.12
N ARG B 227 3.95 22.06 -18.44
CA ARG B 227 2.99 21.08 -18.88
C ARG B 227 2.62 20.10 -17.77
N GLY B 228 2.94 20.42 -16.51
CA GLY B 228 2.54 19.63 -15.37
C GLY B 228 3.24 18.30 -15.19
N ARG B 229 4.35 18.06 -15.88
CA ARG B 229 4.95 16.72 -15.91
C ARG B 229 5.75 16.38 -14.66
N GLY B 230 6.20 17.35 -13.89
CA GLY B 230 6.95 17.04 -12.69
C GLY B 230 7.84 18.18 -12.27
N THR B 231 8.44 18.02 -11.07
CA THR B 231 9.47 18.95 -10.60
C THR B 231 10.67 18.99 -11.54
N HIS B 232 10.92 17.92 -12.30
CA HIS B 232 12.06 17.92 -13.19
C HIS B 232 11.81 18.80 -14.41
N GLU B 233 10.58 18.77 -14.97
CA GLU B 233 10.22 19.74 -15.98
C GLU B 233 10.42 21.16 -15.48
N ALA B 234 10.08 21.41 -14.22
CA ALA B 234 10.16 22.75 -13.68
C ALA B 234 11.60 23.22 -13.49
N ARG B 235 12.55 22.30 -13.42
CA ARG B 235 13.96 22.62 -13.30
C ARG B 235 14.74 22.31 -14.58
N GLY B 236 14.04 21.93 -15.65
CA GLY B 236 14.69 21.72 -16.93
C GLY B 236 15.56 20.49 -17.01
N VAL B 237 15.14 19.38 -16.40
CA VAL B 237 15.90 18.13 -16.48
C VAL B 237 15.01 17.02 -16.98
N PHE B 238 13.85 17.37 -17.52
CA PHE B 238 12.91 16.37 -18.00
C PHE B 238 13.61 15.36 -18.88
N GLY B 239 13.48 14.08 -18.52
CA GLY B 239 14.18 13.03 -19.23
C GLY B 239 15.62 12.83 -18.81
N LYS B 240 16.07 13.52 -17.75
CA LYS B 240 17.41 13.34 -17.19
C LYS B 240 17.37 12.78 -15.76
N ILE B 241 16.36 11.97 -15.44
CA ILE B 241 16.18 11.47 -14.08
C ILE B 241 16.33 9.96 -14.08
N ASP B 242 17.13 9.46 -13.14
CA ASP B 242 17.36 8.02 -13.06
C ASP B 242 16.15 7.29 -12.52
N ILE B 243 15.49 7.86 -11.51
CA ILE B 243 14.41 7.20 -10.78
C ILE B 243 13.37 8.26 -10.41
N ILE B 244 12.14 8.09 -10.88
CA ILE B 244 10.98 8.80 -10.35
C ILE B 244 10.14 7.81 -9.56
N THR B 245 9.78 8.19 -8.33
CA THR B 245 8.75 7.49 -7.59
C THR B 245 7.59 8.46 -7.40
N GLY B 246 6.38 7.93 -7.36
CA GLY B 246 5.28 8.85 -7.20
C GLY B 246 3.99 8.14 -6.88
N THR B 247 2.96 8.96 -6.67
CA THR B 247 1.62 8.51 -6.31
C THR B 247 0.64 8.72 -7.45
N LEU B 248 -0.39 7.88 -7.46
CA LEU B 248 -1.63 8.15 -8.17
C LEU B 248 -2.71 8.76 -7.26
N GLY B 249 -2.43 8.93 -5.98
CA GLY B 249 -3.44 9.34 -5.03
C GLY B 249 -3.42 10.81 -4.67
N ALA B 250 -2.62 11.63 -5.35
CA ALA B 250 -2.62 13.05 -5.08
C ALA B 250 -3.28 13.76 -6.26
N ALA B 251 -2.49 14.39 -7.12
CA ALA B 251 -3.10 15.21 -8.17
C ALA B 251 -3.85 14.35 -9.18
N LEU B 252 -3.39 13.12 -9.40
CA LEU B 252 -3.81 12.31 -10.54
C LEU B 252 -5.00 11.41 -10.25
N GLY B 253 -5.95 11.85 -9.43
CA GLY B 253 -7.12 11.04 -9.14
C GLY B 253 -7.46 10.89 -7.66
N GLY B 254 -6.48 10.56 -6.83
CA GLY B 254 -6.73 10.58 -5.42
C GLY B 254 -7.37 9.34 -4.85
N ALA B 255 -7.32 8.23 -5.57
CA ALA B 255 -7.93 6.98 -5.13
C ALA B 255 -6.91 6.06 -4.47
N SER B 256 -5.94 5.57 -5.23
CA SER B 256 -4.92 4.66 -4.73
C SER B 256 -3.86 4.47 -5.82
N GLY B 257 -2.84 3.69 -5.52
CA GLY B 257 -1.81 3.38 -6.48
C GLY B 257 -0.61 4.29 -6.39
N GLY B 258 0.54 3.75 -6.76
CA GLY B 258 1.74 4.54 -6.98
C GLY B 258 2.55 3.99 -8.14
N PHE B 259 3.83 4.38 -8.25
CA PHE B 259 4.61 3.90 -9.39
C PHE B 259 6.08 4.22 -9.20
N THR B 260 6.93 3.40 -9.81
CA THR B 260 8.30 3.79 -10.06
C THR B 260 8.55 3.75 -11.56
N SER B 261 9.08 4.84 -12.10
CA SER B 261 9.40 4.93 -13.52
C SER B 261 10.89 5.19 -13.66
N ALA B 262 11.57 4.33 -14.39
CA ALA B 262 13.01 4.33 -14.50
C ALA B 262 13.35 3.76 -15.88
N ARG B 263 14.66 3.60 -16.15
CA ARG B 263 15.11 3.24 -17.50
C ARG B 263 14.33 2.07 -18.05
N LYS B 264 14.73 0.84 -17.74
CA LYS B 264 13.95 -0.30 -18.19
C LYS B 264 14.61 -1.55 -17.65
N GLU B 265 15.93 -1.49 -17.48
CA GLU B 265 16.58 -2.47 -16.63
C GLU B 265 16.07 -2.36 -15.18
N VAL B 266 16.04 -1.14 -14.65
CA VAL B 266 15.48 -0.89 -13.31
C VAL B 266 14.07 -1.45 -13.23
N VAL B 267 13.17 -0.91 -14.04
CA VAL B 267 11.78 -1.35 -14.01
C VAL B 267 11.69 -2.86 -14.11
N ALA B 268 12.44 -3.46 -15.05
CA ALA B 268 12.39 -4.91 -15.20
C ALA B 268 12.86 -5.61 -13.93
N LEU B 269 13.89 -5.09 -13.27
CA LEU B 269 14.37 -5.71 -12.04
C LEU B 269 13.38 -5.50 -10.90
N LEU B 270 12.77 -4.32 -10.83
CA LEU B 270 11.75 -4.10 -9.81
C LEU B 270 10.64 -5.13 -9.95
N ARG B 271 10.18 -5.39 -11.18
CA ARG B 271 9.14 -6.40 -11.38
C ARG B 271 9.58 -7.76 -10.88
N GLN B 272 10.88 -8.08 -11.05
CA GLN B 272 11.37 -9.41 -10.71
C GLN B 272 11.60 -9.59 -9.22
N ARG B 273 12.02 -8.54 -8.52
CA ARG B 273 12.51 -8.69 -7.16
C ARG B 273 11.89 -7.73 -6.13
N SER B 274 11.28 -6.61 -6.51
CA SER B 274 10.73 -5.66 -5.52
C SER B 274 9.61 -6.28 -4.69
N ARG B 275 9.78 -6.29 -3.37
CA ARG B 275 8.89 -7.08 -2.52
C ARG B 275 7.43 -6.64 -2.57
N PRO B 276 7.08 -5.36 -2.40
CA PRO B 276 5.65 -5.01 -2.53
C PRO B 276 5.05 -5.35 -3.90
N TYR B 277 5.82 -5.26 -4.98
CA TYR B 277 5.33 -5.68 -6.29
C TYR B 277 5.08 -7.18 -6.36
N LEU B 278 6.00 -7.98 -5.83
CA LEU B 278 5.82 -9.42 -5.78
C LEU B 278 4.66 -9.80 -4.87
N PHE B 279 4.53 -9.12 -3.74
CA PHE B 279 3.80 -9.66 -2.60
C PHE B 279 2.57 -8.85 -2.20
N SER B 280 2.15 -7.88 -3.01
CA SER B 280 0.98 -7.10 -2.61
C SER B 280 0.08 -6.94 -3.82
N ASN B 281 -1.22 -6.93 -3.56
CA ASN B 281 -2.24 -6.83 -4.60
C ASN B 281 -1.90 -5.78 -5.66
N THR B 282 -2.20 -6.13 -6.91
CA THR B 282 -2.18 -5.20 -8.03
C THR B 282 -3.24 -4.13 -7.82
N VAL B 283 -3.04 -2.98 -8.48
CA VAL B 283 -4.00 -1.88 -8.38
C VAL B 283 -5.33 -2.31 -9.01
N ALA B 284 -6.42 -1.77 -8.47
CA ALA B 284 -7.74 -2.16 -8.91
C ALA B 284 -8.03 -1.61 -10.30
N PRO B 285 -8.81 -2.36 -11.12
CA PRO B 285 -9.07 -1.92 -12.50
C PRO B 285 -9.72 -0.56 -12.62
N ALA B 286 -10.65 -0.22 -11.72
CA ALA B 286 -11.22 1.12 -11.75
C ALA B 286 -10.14 2.20 -11.65
N ILE B 287 -9.19 2.02 -10.70
CA ILE B 287 -8.15 3.04 -10.48
C ILE B 287 -7.27 3.18 -11.71
N VAL B 288 -6.78 2.06 -12.23
CA VAL B 288 -5.91 2.12 -13.42
C VAL B 288 -6.67 2.77 -14.56
N GLY B 289 -7.88 2.28 -14.82
CA GLY B 289 -8.79 2.88 -15.79
C GLY B 289 -8.95 4.38 -15.64
N ALA B 290 -9.37 4.84 -14.45
CA ALA B 290 -9.59 6.28 -14.28
C ALA B 290 -8.29 7.06 -14.41
N SER B 291 -7.15 6.48 -14.01
CA SER B 291 -5.87 7.17 -14.16
C SER B 291 -5.50 7.36 -15.64
N ILE B 292 -5.74 6.36 -16.48
CA ILE B 292 -5.52 6.48 -17.92
C ILE B 292 -6.32 7.66 -18.47
N ALA B 293 -7.59 7.81 -18.07
CA ALA B 293 -8.34 9.00 -18.46
C ALA B 293 -7.79 10.27 -17.81
N VAL B 294 -7.26 10.20 -16.59
CA VAL B 294 -6.64 11.38 -15.99
C VAL B 294 -5.52 11.91 -16.88
N LEU B 295 -4.70 11.01 -17.44
CA LEU B 295 -3.62 11.43 -18.33
C LEU B 295 -4.16 11.96 -19.65
N ASP B 296 -5.33 11.47 -20.10
CA ASP B 296 -6.01 12.05 -21.26
C ASP B 296 -6.34 13.52 -21.00
N ILE B 297 -6.80 13.82 -19.80
CA ILE B 297 -7.17 15.20 -19.47
C ILE B 297 -5.94 16.10 -19.48
N LEU B 298 -4.95 15.75 -18.67
CA LEU B 298 -3.81 16.64 -18.48
C LEU B 298 -2.96 16.78 -19.74
N GLU B 299 -2.94 15.75 -20.57
CA GLU B 299 -2.20 15.84 -21.83
C GLU B 299 -2.93 16.67 -22.87
N ALA B 300 -4.24 16.86 -22.73
CA ALA B 300 -5.04 17.60 -23.68
C ALA B 300 -5.03 19.10 -23.44
N SER B 301 -4.81 19.53 -22.20
CA SER B 301 -4.82 20.96 -21.91
C SER B 301 -4.26 21.17 -20.51
N THR B 302 -3.48 22.24 -20.35
CA THR B 302 -2.85 22.57 -19.08
C THR B 302 -3.72 23.48 -18.20
N GLU B 303 -5.02 23.54 -18.47
CA GLU B 303 -5.82 24.58 -17.83
C GLU B 303 -5.88 24.37 -16.32
N LEU B 304 -6.14 23.14 -15.88
CA LEU B 304 -6.35 22.89 -14.45
C LEU B 304 -5.13 23.30 -13.64
N ARG B 305 -3.95 22.81 -13.99
CA ARG B 305 -2.75 23.24 -13.30
C ARG B 305 -2.51 24.73 -13.43
N ASP B 306 -2.96 25.34 -14.56
CA ASP B 306 -2.88 26.79 -14.68
C ASP B 306 -3.78 27.49 -13.67
N ARG B 307 -5.02 27.02 -13.51
CA ARG B 307 -5.88 27.58 -12.47
C ARG B 307 -5.32 27.34 -11.07
N LEU B 308 -4.58 26.23 -10.89
CA LEU B 308 -3.89 26.00 -9.62
C LEU B 308 -2.83 27.06 -9.37
N GLU B 309 -2.03 27.38 -10.38
CA GLU B 309 -1.04 28.42 -10.20
C GLU B 309 -1.70 29.73 -9.79
N GLY B 310 -2.77 30.09 -10.51
CA GLY B 310 -3.48 31.33 -10.20
C GLY B 310 -4.04 31.32 -8.80
N ASN B 311 -4.70 30.23 -8.43
CA ASN B 311 -5.28 30.15 -7.08
C ASN B 311 -4.19 30.22 -6.02
N THR B 312 -3.03 29.65 -6.31
CA THR B 312 -1.96 29.61 -5.32
C THR B 312 -1.34 30.98 -5.11
N ARG B 313 -1.01 31.69 -6.20
CA ARG B 313 -0.42 33.02 -6.10
C ARG B 313 -1.37 33.99 -5.41
N PHE B 314 -2.64 33.98 -5.80
CA PHE B 314 -3.60 34.89 -5.19
C PHE B 314 -3.65 34.69 -3.69
N PHE B 315 -3.68 33.43 -3.24
CA PHE B 315 -3.84 33.13 -1.82
C PHE B 315 -2.51 33.23 -1.06
N ARG B 316 -1.37 32.97 -1.73
CA ARG B 316 -0.08 33.19 -1.07
C ARG B 316 0.19 34.67 -0.87
N ALA B 317 -0.05 35.49 -1.91
CA ALA B 317 0.06 36.94 -1.80
C ALA B 317 -1.00 37.54 -0.86
N GLY B 318 -2.15 36.89 -0.71
CA GLY B 318 -3.16 37.35 0.20
C GLY B 318 -2.78 37.13 1.64
N LEU B 319 -2.38 35.90 2.00
CA LEU B 319 -1.94 35.61 3.37
C LEU B 319 -0.72 36.43 3.74
N ASP B 320 0.12 36.78 2.76
CA ASP B 320 1.20 37.72 2.98
C ASP B 320 0.66 39.07 3.44
N ARG B 321 -0.22 39.66 2.65
CA ARG B 321 -0.70 41.00 2.97
C ARG B 321 -1.48 41.03 4.28
N LEU B 322 -1.91 39.88 4.80
CA LEU B 322 -2.54 39.86 6.12
C LEU B 322 -1.54 39.79 7.26
N GLY B 323 -0.24 39.75 6.97
CA GLY B 323 0.77 39.70 8.01
C GLY B 323 1.35 38.32 8.28
N PHE B 324 0.77 37.27 7.71
CA PHE B 324 1.34 35.94 7.86
C PHE B 324 2.73 35.89 7.25
N ASP B 325 3.58 35.03 7.82
CA ASP B 325 4.89 34.72 7.26
C ASP B 325 4.69 33.71 6.13
N VAL B 326 4.12 34.19 5.03
CA VAL B 326 3.93 33.39 3.82
C VAL B 326 4.49 34.18 2.64
N LYS B 327 5.50 33.63 1.99
CA LYS B 327 6.11 34.31 0.86
C LYS B 327 5.18 34.27 -0.34
N ALA B 328 5.27 35.29 -1.19
CA ALA B 328 4.65 35.22 -2.50
C ALA B 328 5.26 34.08 -3.29
N GLY B 329 4.43 33.36 -4.04
CA GLY B 329 4.97 32.21 -4.74
C GLY B 329 3.88 31.39 -5.39
N ASP B 330 4.32 30.29 -6.02
CA ASP B 330 3.47 29.35 -6.75
C ASP B 330 3.57 27.94 -6.20
N HIS B 331 3.96 27.79 -4.93
CA HIS B 331 3.95 26.50 -4.24
C HIS B 331 2.53 26.22 -3.78
N PRO B 332 1.85 25.24 -4.35
CA PRO B 332 0.46 24.97 -3.92
C PRO B 332 0.37 24.55 -2.46
N ILE B 333 1.47 24.12 -1.85
CA ILE B 333 1.51 23.84 -0.43
C ILE B 333 1.96 25.12 0.27
N ILE B 334 1.14 25.61 1.21
CA ILE B 334 1.43 26.84 1.93
C ILE B 334 1.47 26.52 3.42
N PRO B 335 2.67 26.48 4.00
CA PRO B 335 2.79 26.13 5.42
C PRO B 335 2.58 27.33 6.32
N ILE B 336 1.82 27.14 7.38
CA ILE B 336 1.50 28.19 8.33
C ILE B 336 1.92 27.63 9.68
N MET B 337 3.05 28.13 10.19
CA MET B 337 3.63 27.56 11.41
C MET B 337 2.97 28.17 12.62
N VAL B 338 2.63 27.32 13.59
CA VAL B 338 2.17 27.79 14.90
C VAL B 338 2.97 27.18 16.03
N TYR B 339 3.92 26.29 15.74
CA TYR B 339 4.88 25.77 16.70
C TYR B 339 4.21 24.97 17.81
N ASP B 340 3.33 25.60 18.59
CA ASP B 340 2.63 24.88 19.65
C ASP B 340 1.62 23.92 19.04
N ALA B 341 1.60 22.68 19.55
CA ALA B 341 0.66 21.70 19.01
C ALA B 341 -0.77 22.07 19.39
N ASP B 342 -0.96 22.48 20.65
CA ASP B 342 -2.28 22.92 21.10
C ASP B 342 -2.78 24.11 20.29
N LYS B 343 -1.91 25.09 20.01
CA LYS B 343 -2.32 26.22 19.18
C LYS B 343 -2.63 25.82 17.75
N ALA B 344 -2.20 24.63 17.31
CA ALA B 344 -2.59 24.12 16.00
C ALA B 344 -3.97 23.50 16.03
N GLN B 345 -4.29 22.79 17.10
CA GLN B 345 -5.64 22.24 17.23
C GLN B 345 -6.67 23.36 17.28
N GLN B 346 -6.34 24.44 17.99
CA GLN B 346 -7.23 25.59 18.10
C GLN B 346 -7.41 26.31 16.77
N LEU B 347 -6.32 26.62 16.09
CA LEU B 347 -6.42 27.34 14.83
C LEU B 347 -7.24 26.56 13.80
N ALA B 348 -6.99 25.24 13.71
CA ALA B 348 -7.77 24.40 12.81
C ALA B 348 -9.24 24.36 13.21
N GLN B 349 -9.48 24.29 14.53
CA GLN B 349 -10.85 24.29 15.04
C GLN B 349 -11.55 25.60 14.76
N ARG B 350 -10.89 26.72 15.11
CA ARG B 350 -11.49 28.01 14.87
C ARG B 350 -11.74 28.24 13.39
N LEU B 351 -10.79 27.86 12.53
CA LEU B 351 -11.01 28.04 11.10
C LEU B 351 -12.15 27.16 10.60
N LEU B 352 -12.40 26.04 11.29
CA LEU B 352 -13.60 25.25 10.99
C LEU B 352 -14.85 26.07 11.27
N GLU B 353 -14.94 26.62 12.48
CA GLU B 353 -16.08 27.45 12.88
C GLU B 353 -16.31 28.59 11.89
N LEU B 354 -15.24 29.16 11.34
CA LEU B 354 -15.31 30.23 10.36
C LEU B 354 -15.56 29.75 8.94
N GLY B 355 -15.69 28.45 8.71
CA GLY B 355 -16.04 27.93 7.41
C GLY B 355 -14.88 27.40 6.59
N VAL B 356 -13.77 27.01 7.23
CA VAL B 356 -12.59 26.54 6.53
C VAL B 356 -12.12 25.24 7.18
N TYR B 357 -11.94 24.21 6.35
CA TYR B 357 -11.48 22.89 6.78
C TYR B 357 -9.96 22.86 6.63
N VAL B 358 -9.24 23.00 7.75
CA VAL B 358 -7.84 22.62 7.82
C VAL B 358 -7.65 21.70 9.02
N VAL B 359 -6.44 21.13 9.13
CA VAL B 359 -6.13 20.17 10.17
C VAL B 359 -4.73 20.48 10.70
N GLY B 360 -4.56 20.32 12.01
CA GLY B 360 -3.28 20.58 12.62
C GLY B 360 -2.24 19.55 12.23
N PHE B 361 -1.00 20.01 12.09
CA PHE B 361 0.13 19.12 11.83
C PHE B 361 1.06 19.19 13.03
N PHE B 362 1.23 18.06 13.71
CA PHE B 362 2.08 17.98 14.88
C PHE B 362 2.70 16.58 14.95
N TYR B 363 3.50 16.38 15.97
CA TYR B 363 4.36 15.22 16.06
C TYR B 363 3.54 13.94 16.20
N PRO B 364 3.93 12.86 15.50
CA PRO B 364 5.17 12.74 14.74
C PRO B 364 5.11 13.18 13.26
N VAL B 365 4.02 13.81 12.83
CA VAL B 365 3.93 14.25 11.44
C VAL B 365 4.96 15.34 11.15
N VAL B 366 5.24 16.20 12.14
CA VAL B 366 6.31 17.19 12.08
C VAL B 366 7.07 17.16 13.41
N PRO B 367 8.22 17.80 13.54
CA PRO B 367 8.94 17.78 14.82
C PRO B 367 8.18 18.46 15.95
N LYS B 368 8.33 17.89 17.16
CA LYS B 368 7.80 18.51 18.37
C LYS B 368 8.24 19.96 18.45
N GLY B 369 7.28 20.85 18.70
CA GLY B 369 7.55 22.27 18.72
C GLY B 369 7.61 22.95 17.37
N GLN B 370 7.30 22.24 16.28
CA GLN B 370 7.22 22.87 14.97
C GLN B 370 5.89 22.55 14.32
N ALA B 371 4.82 22.67 15.11
CA ALA B 371 3.47 22.39 14.64
C ALA B 371 3.04 23.41 13.60
N ARG B 372 2.24 22.96 12.63
CA ARG B 372 1.77 23.90 11.62
C ARG B 372 0.38 23.51 11.12
N ILE B 373 -0.24 24.46 10.43
CA ILE B 373 -1.35 24.20 9.53
C ILE B 373 -0.77 24.20 8.13
N ARG B 374 -1.07 23.16 7.34
CA ARG B 374 -0.62 23.08 5.96
C ARG B 374 -1.81 23.40 5.07
N VAL B 375 -1.87 24.65 4.62
CA VAL B 375 -2.84 25.03 3.60
C VAL B 375 -2.45 24.35 2.29
N GLN B 376 -3.43 24.00 1.47
CA GLN B 376 -3.19 23.29 0.22
C GLN B 376 -4.18 23.73 -0.84
N MET B 377 -3.67 24.28 -1.95
CA MET B 377 -4.49 24.84 -3.00
C MET B 377 -5.01 23.77 -3.94
N SER B 378 -6.10 24.11 -4.62
CA SER B 378 -6.70 23.26 -5.63
C SER B 378 -7.00 24.10 -6.86
N ALA B 379 -7.10 23.44 -8.01
CA ALA B 379 -7.69 24.11 -9.17
C ALA B 379 -9.19 24.36 -9.00
N LEU B 380 -9.83 23.73 -8.01
CA LEU B 380 -11.28 23.78 -7.87
C LEU B 380 -11.79 25.12 -7.31
N HIS B 381 -10.95 25.87 -6.61
CA HIS B 381 -11.45 27.00 -5.86
C HIS B 381 -11.79 28.17 -6.78
N ASP B 382 -13.02 28.66 -6.64
CA ASP B 382 -13.45 29.92 -7.22
C ASP B 382 -13.10 31.06 -6.26
N GLU B 383 -13.06 32.28 -6.81
CA GLU B 383 -12.43 33.37 -6.08
C GLU B 383 -13.23 33.81 -4.86
N ALA B 384 -14.56 33.63 -4.85
CA ALA B 384 -15.33 33.92 -3.65
C ALA B 384 -15.10 32.89 -2.55
N ALA B 385 -14.56 31.73 -2.88
CA ALA B 385 -14.11 30.80 -1.85
C ALA B 385 -12.72 31.19 -1.35
N LEU B 386 -11.77 31.34 -2.28
CA LEU B 386 -10.46 31.85 -1.91
C LEU B 386 -10.58 33.16 -1.13
N GLN B 387 -11.56 33.99 -1.47
CA GLN B 387 -11.74 35.24 -0.75
C GLN B 387 -12.39 35.02 0.62
N ALA B 388 -13.53 34.33 0.66
CA ALA B 388 -14.14 34.05 1.96
C ALA B 388 -13.18 33.31 2.89
N ALA B 389 -12.24 32.57 2.30
CA ALA B 389 -11.25 31.88 3.11
C ALA B 389 -10.21 32.85 3.65
N LEU B 390 -9.71 33.74 2.79
CA LEU B 390 -8.77 34.76 3.25
C LEU B 390 -9.34 35.51 4.44
N ASP B 391 -10.63 35.84 4.39
CA ASP B 391 -11.31 36.43 5.54
C ASP B 391 -11.20 35.55 6.78
N ALA B 392 -11.46 34.25 6.63
CA ALA B 392 -11.40 33.34 7.76
C ALA B 392 -10.01 33.34 8.38
N PHE B 393 -8.98 33.42 7.55
CA PHE B 393 -7.62 33.35 8.06
C PHE B 393 -7.24 34.63 8.78
N GLY B 394 -7.61 35.80 8.22
CA GLY B 394 -7.28 37.05 8.85
C GLY B 394 -7.88 37.19 10.24
N GLN B 395 -9.12 36.72 10.40
CA GLN B 395 -9.79 36.82 11.68
C GLN B 395 -9.19 35.84 12.68
N ALA B 396 -9.23 34.53 12.35
CA ALA B 396 -8.75 33.53 13.28
C ALA B 396 -7.27 33.72 13.60
N GLY B 397 -6.49 34.19 12.63
CA GLY B 397 -5.10 34.53 12.91
C GLY B 397 -4.99 35.67 13.91
N ARG B 398 -5.87 36.66 13.80
CA ARG B 398 -5.87 37.77 14.75
C ARG B 398 -6.28 37.29 16.13
N GLU B 399 -7.34 36.49 16.21
CA GLU B 399 -7.83 36.07 17.52
C GLU B 399 -6.79 35.22 18.25
N LEU B 400 -6.12 34.33 17.53
CA LEU B 400 -5.15 33.40 18.12
C LEU B 400 -3.77 34.02 18.31
N GLY B 401 -3.55 35.24 17.85
CA GLY B 401 -2.28 35.89 18.07
C GLY B 401 -1.27 35.71 16.98
N LEU B 402 -1.69 35.27 15.80
CA LEU B 402 -0.76 35.04 14.71
C LEU B 402 -0.50 36.29 13.89
N ILE B 403 -1.30 37.35 14.08
CA ILE B 403 -1.10 38.63 13.39
C ILE B 403 -1.68 39.78 14.21
#